data_7P7F
#
_entry.id   7P7F
#
_cell.length_a   49.061
_cell.length_b   81.813
_cell.length_c   89.088
_cell.angle_alpha   90.270
_cell.angle_beta   105.950
_cell.angle_gamma   93.600
#
_symmetry.space_group_name_H-M   'P 1'
#
loop_
_entity.id
_entity.type
_entity.pdbx_description
1 polymer 'Casein kinase I isoform delta'
2 non-polymer 'SULFATE ION'
3 non-polymer 1,2-ETHANEDIOL
4 non-polymer 'ADENOSINE MONOPHOSPHATE'
5 non-polymer ADENOSINE
6 water water
#
_entity_poly.entity_id   1
_entity_poly.type   'polypeptide(L)'
_entity_poly.pdbx_seq_one_letter_code
;SMMELRVGNRYRLGRKIGSGSFGDIYLGTDIAAGEEVAIKLECVKTKHPQLHIESKIYKMMQGGVGIPTIRWCGAEGDYN
VMVMELLGPSLEDLFNFCSRKFSLKTVLLLADQMISRIEYIHSKNFIHRDVKPDNFLMGLGKKGNLVYIIDFGLAKKYRD
ARTHQHIPYRENKNLTGTARYASINTHLGIEQSRRDDLESLGYVLMYFNLGSLPWQGLKAA(TPO)KRQKYERISEKKMS
TPIEVLCKGYPSEFATYLNFCRSLRFDDKPDYSYLRQLFRNLFHRQGFSYDYVFDWNMLK
;
_entity_poly.pdbx_strand_id   A,B,C,D
#
# COMPACT_ATOMS: atom_id res chain seq x y z
N LEU A 5 -62.08 -6.36 -18.17
CA LEU A 5 -61.82 -7.79 -18.59
C LEU A 5 -61.49 -8.63 -17.34
N ARG A 6 -62.09 -9.81 -17.28
CA ARG A 6 -61.74 -10.92 -16.37
C ARG A 6 -60.49 -11.62 -16.91
N VAL A 7 -59.50 -11.89 -16.06
CA VAL A 7 -58.28 -12.64 -16.46
C VAL A 7 -57.97 -13.73 -15.43
N GLY A 8 -57.66 -14.94 -15.89
CA GLY A 8 -57.38 -16.11 -15.03
C GLY A 8 -58.40 -16.24 -13.89
N ASN A 9 -59.67 -15.94 -14.18
CA ASN A 9 -60.85 -16.12 -13.28
C ASN A 9 -60.93 -15.05 -12.19
N ARG A 10 -59.81 -14.67 -11.55
CA ARG A 10 -59.84 -13.90 -10.28
C ARG A 10 -59.22 -12.52 -10.45
N TYR A 11 -58.71 -12.19 -11.63
CA TYR A 11 -58.05 -10.90 -11.89
C TYR A 11 -58.94 -10.03 -12.78
N ARG A 12 -59.08 -8.79 -12.40
CA ARG A 12 -59.80 -7.76 -13.17
C ARG A 12 -58.78 -6.80 -13.77
N LEU A 13 -58.79 -6.66 -15.07
CA LEU A 13 -57.94 -5.70 -15.82
C LEU A 13 -58.42 -4.27 -15.58
N GLY A 14 -57.50 -3.38 -15.23
CA GLY A 14 -57.71 -1.92 -15.16
C GLY A 14 -56.96 -1.23 -16.30
N ARG A 15 -56.56 0.00 -16.08
CA ARG A 15 -55.99 0.87 -17.14
C ARG A 15 -54.49 0.58 -17.27
N LYS A 16 -53.92 0.88 -18.43
CA LYS A 16 -52.48 0.83 -18.70
C LYS A 16 -51.74 1.73 -17.69
N ILE A 17 -50.61 1.25 -17.18
CA ILE A 17 -49.69 2.04 -16.32
C ILE A 17 -48.31 2.11 -16.98
N GLY A 18 -48.07 1.37 -18.03
CA GLY A 18 -46.75 1.37 -18.68
C GLY A 18 -46.75 0.69 -20.04
N SER A 19 -45.91 1.19 -20.94
CA SER A 19 -45.72 0.64 -22.30
C SER A 19 -44.25 0.18 -22.43
N GLY A 20 -44.03 -1.13 -22.48
CA GLY A 20 -42.72 -1.72 -22.84
C GLY A 20 -42.57 -1.81 -24.36
N SER A 21 -41.51 -2.46 -24.84
CA SER A 21 -41.32 -2.73 -26.28
C SER A 21 -42.02 -4.03 -26.68
N PHE A 22 -42.33 -4.92 -25.73
CA PHE A 22 -42.73 -6.33 -25.98
C PHE A 22 -43.97 -6.69 -25.13
N GLY A 23 -44.82 -5.69 -24.86
CA GLY A 23 -45.91 -5.82 -23.88
C GLY A 23 -46.20 -4.52 -23.14
N ASP A 24 -47.47 -4.30 -22.85
CA ASP A 24 -47.97 -3.21 -22.00
C ASP A 24 -48.34 -3.80 -20.63
N ILE A 25 -48.16 -2.99 -19.59
CA ILE A 25 -48.46 -3.31 -18.17
C ILE A 25 -49.74 -2.57 -17.81
N TYR A 26 -50.69 -3.28 -17.20
CA TYR A 26 -52.00 -2.76 -16.75
C TYR A 26 -52.12 -2.92 -15.25
N LEU A 27 -52.72 -1.93 -14.60
CA LEU A 27 -53.16 -2.08 -13.20
C LEU A 27 -54.24 -3.18 -13.21
N GLY A 28 -54.27 -4.00 -12.19
CA GLY A 28 -55.29 -5.02 -12.04
C GLY A 28 -55.62 -5.16 -10.60
N THR A 29 -56.66 -5.92 -10.33
CA THR A 29 -57.06 -6.26 -8.98
C THR A 29 -57.15 -7.77 -8.91
N ASP A 30 -56.55 -8.35 -7.91
CA ASP A 30 -56.81 -9.73 -7.47
C ASP A 30 -58.10 -9.67 -6.65
N ILE A 31 -59.20 -9.99 -7.29
CA ILE A 31 -60.57 -9.79 -6.76
C ILE A 31 -60.71 -10.72 -5.55
N ALA A 32 -60.11 -11.91 -5.60
CA ALA A 32 -60.21 -12.89 -4.52
C ALA A 32 -59.48 -12.37 -3.28
N ALA A 33 -58.31 -11.76 -3.46
CA ALA A 33 -57.39 -11.37 -2.36
C ALA A 33 -57.66 -9.92 -1.91
N GLY A 34 -58.29 -9.10 -2.72
CA GLY A 34 -58.41 -7.64 -2.43
C GLY A 34 -57.05 -6.93 -2.50
N GLU A 35 -56.30 -7.18 -3.54
CA GLU A 35 -54.90 -6.66 -3.70
C GLU A 35 -54.73 -6.20 -5.12
N GLU A 36 -54.07 -5.08 -5.34
CA GLU A 36 -53.71 -4.63 -6.68
C GLU A 36 -52.55 -5.50 -7.16
N VAL A 37 -52.49 -5.69 -8.48
CA VAL A 37 -51.47 -6.46 -9.21
C VAL A 37 -51.12 -5.67 -10.46
N ALA A 38 -50.05 -6.06 -11.13
CA ALA A 38 -49.70 -5.60 -12.48
C ALA A 38 -49.96 -6.75 -13.43
N ILE A 39 -50.55 -6.46 -14.57
CA ILE A 39 -50.86 -7.48 -15.59
C ILE A 39 -50.15 -7.08 -16.87
N LYS A 40 -49.28 -7.97 -17.36
CA LYS A 40 -48.58 -7.78 -18.64
C LYS A 40 -49.32 -8.61 -19.69
N LEU A 41 -49.63 -7.97 -20.79
CA LEU A 41 -50.38 -8.53 -21.94
C LEU A 41 -49.49 -8.46 -23.16
N GLU A 42 -49.47 -9.54 -23.92
CA GLU A 42 -48.75 -9.65 -25.21
C GLU A 42 -49.76 -10.21 -26.21
N CYS A 43 -50.00 -9.49 -27.31
CA CYS A 43 -50.85 -9.95 -28.44
CA CYS A 43 -50.85 -9.95 -28.43
C CYS A 43 -50.39 -11.35 -28.84
N VAL A 44 -51.28 -12.32 -28.84
CA VAL A 44 -50.94 -13.73 -29.21
C VAL A 44 -50.26 -13.72 -30.60
N LYS A 45 -50.70 -12.84 -31.52
CA LYS A 45 -50.25 -12.78 -32.94
C LYS A 45 -49.05 -11.84 -33.12
N THR A 46 -48.43 -11.40 -32.02
CA THR A 46 -47.20 -10.57 -32.07
C THR A 46 -46.19 -11.28 -32.96
N LYS A 47 -45.37 -10.51 -33.69
CA LYS A 47 -44.34 -11.04 -34.61
C LYS A 47 -43.26 -11.76 -33.80
N HIS A 48 -42.95 -11.25 -32.62
CA HIS A 48 -41.82 -11.67 -31.76
C HIS A 48 -42.31 -11.99 -30.36
N PRO A 49 -42.85 -13.23 -30.15
CA PRO A 49 -43.36 -13.62 -28.85
C PRO A 49 -42.23 -13.75 -27.82
N GLN A 50 -42.41 -13.16 -26.64
CA GLN A 50 -41.34 -13.04 -25.61
C GLN A 50 -41.93 -13.26 -24.20
N LEU A 51 -43.23 -13.03 -24.02
CA LEU A 51 -43.80 -13.01 -22.66
C LEU A 51 -43.62 -14.39 -22.04
N HIS A 52 -43.94 -15.45 -22.79
CA HIS A 52 -43.83 -16.84 -22.26
C HIS A 52 -42.38 -17.07 -21.87
N ILE A 53 -41.44 -16.49 -22.64
CA ILE A 53 -39.97 -16.64 -22.37
C ILE A 53 -39.65 -15.92 -21.05
N GLU A 54 -40.02 -14.65 -20.95
CA GLU A 54 -39.82 -13.85 -19.70
C GLU A 54 -40.44 -14.58 -18.48
N SER A 55 -41.65 -15.12 -18.58
CA SER A 55 -42.33 -15.79 -17.46
C SER A 55 -41.49 -16.99 -16.98
N LYS A 56 -40.89 -17.74 -17.91
CA LYS A 56 -40.04 -18.91 -17.57
C LYS A 56 -38.85 -18.44 -16.75
N ILE A 57 -38.26 -17.31 -17.12
CA ILE A 57 -37.09 -16.79 -16.40
C ILE A 57 -37.53 -16.32 -15.01
N TYR A 58 -38.66 -15.62 -14.92
CA TYR A 58 -39.18 -15.18 -13.61
C TYR A 58 -39.41 -16.37 -12.69
N LYS A 59 -39.84 -17.52 -13.23
CA LYS A 59 -40.16 -18.72 -12.42
C LYS A 59 -38.87 -19.22 -11.78
N MET A 60 -37.82 -19.34 -12.58
CA MET A 60 -36.45 -19.66 -12.11
C MET A 60 -35.97 -18.63 -11.05
N MET A 61 -36.36 -17.34 -11.15
CA MET A 61 -35.91 -16.26 -10.23
C MET A 61 -36.73 -16.24 -8.92
N GLN A 62 -37.87 -16.96 -8.87
CA GLN A 62 -38.89 -16.72 -7.83
C GLN A 62 -38.28 -16.99 -6.44
N GLY A 63 -38.72 -16.22 -5.43
CA GLY A 63 -38.22 -16.32 -4.06
C GLY A 63 -37.05 -15.37 -3.82
N GLY A 64 -36.57 -14.70 -4.87
CA GLY A 64 -35.54 -13.67 -4.66
C GLY A 64 -36.14 -12.42 -4.04
N VAL A 65 -35.50 -11.84 -3.06
CA VAL A 65 -35.75 -10.43 -2.65
C VAL A 65 -35.62 -9.52 -3.89
N GLY A 66 -36.62 -8.68 -4.07
CA GLY A 66 -36.61 -7.66 -5.13
C GLY A 66 -36.83 -8.25 -6.48
N ILE A 67 -37.36 -9.45 -6.56
CA ILE A 67 -37.88 -10.06 -7.81
C ILE A 67 -39.40 -10.04 -7.70
N PRO A 68 -40.12 -9.37 -8.61
CA PRO A 68 -41.58 -9.31 -8.53
C PRO A 68 -42.15 -10.73 -8.54
N THR A 69 -43.09 -11.02 -7.66
CA THR A 69 -43.80 -12.32 -7.56
C THR A 69 -44.64 -12.51 -8.82
N ILE A 70 -44.62 -13.68 -9.46
CA ILE A 70 -45.52 -13.96 -10.61
C ILE A 70 -46.74 -14.67 -10.01
N ARG A 71 -47.91 -14.11 -10.15
CA ARG A 71 -49.12 -14.66 -9.52
C ARG A 71 -49.82 -15.65 -10.47
N TRP A 72 -49.75 -15.44 -11.77
CA TRP A 72 -50.54 -16.22 -12.76
C TRP A 72 -50.01 -15.97 -14.16
N CYS A 73 -49.90 -17.03 -14.97
CA CYS A 73 -49.60 -16.96 -16.42
C CYS A 73 -50.66 -17.75 -17.16
N GLY A 74 -51.16 -17.23 -18.27
CA GLY A 74 -52.15 -17.91 -19.10
C GLY A 74 -52.26 -17.24 -20.44
N ALA A 75 -53.17 -17.68 -21.26
CA ALA A 75 -53.70 -16.90 -22.39
C ALA A 75 -55.13 -16.51 -22.05
N GLU A 76 -55.58 -15.38 -22.54
CA GLU A 76 -56.98 -14.90 -22.38
C GLU A 76 -57.32 -14.08 -23.62
N GLY A 77 -58.35 -14.50 -24.36
CA GLY A 77 -58.76 -13.85 -25.61
C GLY A 77 -57.57 -13.72 -26.55
N ASP A 78 -57.26 -12.49 -26.98
CA ASP A 78 -56.21 -12.20 -27.99
C ASP A 78 -54.88 -11.89 -27.29
N TYR A 79 -54.69 -12.35 -26.05
CA TYR A 79 -53.52 -11.97 -25.20
C TYR A 79 -52.94 -13.19 -24.51
N ASN A 80 -51.62 -13.23 -24.49
CA ASN A 80 -50.80 -13.91 -23.45
C ASN A 80 -50.72 -12.97 -22.25
N VAL A 81 -50.78 -13.54 -21.04
CA VAL A 81 -51.00 -12.80 -19.78
C VAL A 81 -49.97 -13.24 -18.76
N MET A 82 -49.39 -12.27 -18.08
CA MET A 82 -48.58 -12.52 -16.89
C MET A 82 -49.03 -11.56 -15.81
N VAL A 83 -49.52 -12.09 -14.70
CA VAL A 83 -49.94 -11.26 -13.56
C VAL A 83 -48.81 -11.27 -12.55
N MET A 84 -48.44 -10.13 -12.04
CA MET A 84 -47.31 -10.01 -11.11
C MET A 84 -47.61 -9.01 -10.01
N GLU A 85 -46.83 -9.09 -8.97
CA GLU A 85 -46.76 -8.07 -7.92
C GLU A 85 -46.79 -6.69 -8.58
N LEU A 86 -47.55 -5.79 -7.99
CA LEU A 86 -47.58 -4.39 -8.45
C LEU A 86 -46.41 -3.67 -7.81
N LEU A 87 -45.56 -3.06 -8.62
CA LEU A 87 -44.40 -2.30 -8.08
C LEU A 87 -44.66 -0.82 -8.21
N GLY A 88 -43.74 -0.04 -7.65
CA GLY A 88 -43.81 1.41 -7.69
C GLY A 88 -43.02 1.99 -8.85
N PRO A 89 -42.68 3.27 -8.76
CA PRO A 89 -42.00 3.98 -9.83
C PRO A 89 -40.60 3.41 -10.06
N SER A 90 -40.13 3.48 -11.28
CA SER A 90 -38.73 3.19 -11.69
C SER A 90 -37.76 4.21 -11.07
N LEU A 91 -36.48 3.87 -10.99
CA LEU A 91 -35.44 4.80 -10.50
C LEU A 91 -35.33 5.96 -11.48
N GLU A 92 -35.58 5.75 -12.78
CA GLU A 92 -35.60 6.87 -13.77
C GLU A 92 -36.75 7.81 -13.41
N ASP A 93 -37.94 7.26 -13.18
CA ASP A 93 -39.12 8.08 -12.79
C ASP A 93 -38.74 8.88 -11.52
N LEU A 94 -38.17 8.23 -10.53
CA LEU A 94 -37.87 8.90 -9.23
C LEU A 94 -36.73 9.90 -9.42
N PHE A 95 -35.81 9.61 -10.32
CA PHE A 95 -34.70 10.57 -10.67
C PHE A 95 -35.32 11.86 -11.23
N ASN A 96 -36.25 11.74 -12.18
CA ASN A 96 -37.00 12.89 -12.77
C ASN A 96 -37.77 13.61 -11.66
N PHE A 97 -38.44 12.88 -10.80
CA PHE A 97 -39.22 13.49 -9.70
C PHE A 97 -38.29 14.27 -8.76
N CYS A 98 -37.05 13.83 -8.64
CA CYS A 98 -36.03 14.46 -7.76
C CYS A 98 -35.25 15.52 -8.53
N SER A 99 -35.75 15.99 -9.67
CA SER A 99 -35.07 17.02 -10.50
C SER A 99 -33.70 16.50 -10.95
N ARG A 100 -33.57 15.21 -11.23
CA ARG A 100 -32.38 14.59 -11.86
C ARG A 100 -31.14 14.90 -11.01
N LYS A 101 -31.31 14.89 -9.68
CA LYS A 101 -30.23 15.02 -8.68
C LYS A 101 -30.51 14.00 -7.57
N PHE A 102 -29.65 13.00 -7.38
CA PHE A 102 -29.67 12.14 -6.18
C PHE A 102 -28.55 12.51 -5.22
N SER A 103 -28.85 12.53 -3.92
CA SER A 103 -27.85 12.73 -2.87
C SER A 103 -26.89 11.53 -2.92
N LEU A 104 -25.69 11.69 -2.41
CA LEU A 104 -24.73 10.58 -2.30
C LEU A 104 -25.40 9.43 -1.52
N LYS A 105 -26.08 9.77 -0.43
CA LYS A 105 -26.70 8.75 0.45
C LYS A 105 -27.65 7.89 -0.39
N THR A 106 -28.53 8.53 -1.16
CA THR A 106 -29.51 7.81 -2.01
C THR A 106 -28.74 6.90 -3.02
N VAL A 107 -27.72 7.41 -3.68
CA VAL A 107 -26.93 6.65 -4.69
C VAL A 107 -26.35 5.40 -4.00
N LEU A 108 -25.88 5.52 -2.77
CA LEU A 108 -25.21 4.42 -2.08
C LEU A 108 -26.24 3.42 -1.54
N LEU A 109 -27.37 3.90 -1.03
CA LEU A 109 -28.49 3.01 -0.64
C LEU A 109 -28.89 2.18 -1.86
N LEU A 110 -28.99 2.82 -3.03
CA LEU A 110 -29.42 2.13 -4.27
C LEU A 110 -28.32 1.16 -4.70
N ALA A 111 -27.05 1.59 -4.68
CA ALA A 111 -25.92 0.77 -5.16
C ALA A 111 -25.89 -0.55 -4.40
N ASP A 112 -26.09 -0.49 -3.08
CA ASP A 112 -26.02 -1.68 -2.22
C ASP A 112 -27.04 -2.72 -2.70
N GLN A 113 -28.27 -2.30 -2.93
CA GLN A 113 -29.33 -3.24 -3.27
C GLN A 113 -29.17 -3.69 -4.72
N MET A 114 -28.72 -2.79 -5.62
CA MET A 114 -28.67 -3.10 -7.04
C MET A 114 -27.59 -4.16 -7.29
N ILE A 115 -26.48 -4.09 -6.55
CA ILE A 115 -25.39 -5.11 -6.65
C ILE A 115 -25.96 -6.45 -6.17
N SER A 116 -26.71 -6.46 -5.06
CA SER A 116 -27.36 -7.69 -4.55
C SER A 116 -28.38 -8.24 -5.58
N ARG A 117 -29.18 -7.39 -6.23
CA ARG A 117 -30.17 -7.90 -7.21
C ARG A 117 -29.42 -8.60 -8.36
N ILE A 118 -28.37 -7.99 -8.86
CA ILE A 118 -27.58 -8.53 -10.01
C ILE A 118 -26.91 -9.83 -9.55
N GLU A 119 -26.34 -9.85 -8.36
CA GLU A 119 -25.72 -11.06 -7.84
C GLU A 119 -26.79 -12.16 -7.81
N TYR A 120 -27.99 -11.84 -7.35
CA TYR A 120 -29.06 -12.85 -7.22
C TYR A 120 -29.34 -13.46 -8.60
N ILE A 121 -29.55 -12.62 -9.60
CA ILE A 121 -29.81 -13.09 -10.99
C ILE A 121 -28.67 -14.02 -11.44
N HIS A 122 -27.42 -13.59 -11.24
CA HIS A 122 -26.23 -14.39 -11.61
C HIS A 122 -26.26 -15.73 -10.87
N SER A 123 -26.65 -15.73 -9.60
CA SER A 123 -26.76 -16.99 -8.79
C SER A 123 -27.75 -17.96 -9.46
N LYS A 124 -28.69 -17.44 -10.25
CA LYS A 124 -29.69 -18.26 -10.95
C LYS A 124 -29.27 -18.51 -12.38
N ASN A 125 -27.99 -18.26 -12.72
CA ASN A 125 -27.36 -18.73 -13.97
C ASN A 125 -27.71 -17.82 -15.13
N PHE A 126 -28.28 -16.65 -14.88
CA PHE A 126 -28.65 -15.67 -15.93
C PHE A 126 -27.81 -14.40 -15.77
N ILE A 127 -27.62 -13.72 -16.89
CA ILE A 127 -27.24 -12.29 -16.93
C ILE A 127 -28.45 -11.54 -17.46
N HIS A 128 -28.62 -10.32 -17.00
CA HIS A 128 -29.82 -9.51 -17.24
C HIS A 128 -29.73 -8.84 -18.61
N ARG A 129 -28.63 -8.14 -18.87
CA ARG A 129 -28.23 -7.57 -20.18
C ARG A 129 -29.06 -6.32 -20.52
N ASP A 130 -29.81 -5.79 -19.57
CA ASP A 130 -30.52 -4.49 -19.79
C ASP A 130 -30.55 -3.73 -18.49
N VAL A 131 -29.38 -3.62 -17.85
CA VAL A 131 -29.20 -2.90 -16.58
C VAL A 131 -29.28 -1.42 -16.89
N LYS A 132 -30.37 -0.78 -16.45
CA LYS A 132 -30.60 0.65 -16.67
C LYS A 132 -31.63 1.10 -15.64
N PRO A 133 -31.67 2.41 -15.32
CA PRO A 133 -32.53 2.90 -14.25
C PRO A 133 -34.03 2.62 -14.45
N ASP A 134 -34.48 2.48 -15.71
CA ASP A 134 -35.89 2.20 -16.10
C ASP A 134 -36.25 0.78 -15.68
N ASN A 135 -35.28 -0.07 -15.38
CA ASN A 135 -35.55 -1.51 -15.14
C ASN A 135 -35.40 -1.83 -13.66
N PHE A 136 -35.17 -0.82 -12.85
CA PHE A 136 -35.22 -0.94 -11.38
C PHE A 136 -36.41 -0.11 -10.87
N LEU A 137 -37.25 -0.72 -10.10
CA LEU A 137 -38.52 -0.15 -9.56
C LEU A 137 -38.48 -0.31 -8.05
N MET A 138 -38.90 0.70 -7.31
CA MET A 138 -39.07 0.54 -5.85
C MET A 138 -40.39 -0.24 -5.65
N GLY A 139 -40.50 -1.00 -4.58
CA GLY A 139 -41.77 -1.64 -4.22
C GLY A 139 -42.77 -0.58 -3.77
N LEU A 140 -43.97 -1.00 -3.45
CA LEU A 140 -45.01 -0.15 -2.85
C LEU A 140 -45.27 -0.68 -1.44
N GLY A 141 -45.83 0.18 -0.60
CA GLY A 141 -46.28 -0.17 0.76
C GLY A 141 -45.14 -0.69 1.60
N LYS A 142 -45.29 -1.90 2.14
CA LYS A 142 -44.30 -2.52 3.04
C LYS A 142 -42.98 -2.76 2.28
N LYS A 143 -43.03 -2.93 0.95
CA LYS A 143 -41.88 -3.21 0.07
C LYS A 143 -41.26 -1.88 -0.46
N GLY A 144 -41.72 -0.73 0.04
CA GLY A 144 -41.36 0.60 -0.45
C GLY A 144 -39.86 0.91 -0.28
N ASN A 145 -39.16 0.24 0.62
CA ASN A 145 -37.70 0.43 0.83
C ASN A 145 -36.87 -0.50 -0.07
N LEU A 146 -37.52 -1.38 -0.84
CA LEU A 146 -36.86 -2.46 -1.60
C LEU A 146 -36.74 -2.06 -3.08
N VAL A 147 -35.52 -2.14 -3.62
CA VAL A 147 -35.26 -2.00 -5.07
C VAL A 147 -35.57 -3.32 -5.74
N TYR A 148 -36.43 -3.31 -6.75
CA TYR A 148 -36.76 -4.50 -7.58
C TYR A 148 -36.08 -4.35 -8.90
N ILE A 149 -35.80 -5.46 -9.56
CA ILE A 149 -35.35 -5.47 -10.96
C ILE A 149 -36.43 -6.16 -11.78
N ILE A 150 -36.65 -5.68 -12.99
CA ILE A 150 -37.68 -6.20 -13.92
C ILE A 150 -37.07 -6.32 -15.31
N ASP A 151 -37.89 -6.79 -16.23
CA ASP A 151 -37.64 -6.89 -17.67
C ASP A 151 -36.52 -7.89 -17.94
N PHE A 152 -36.87 -9.15 -17.96
CA PHE A 152 -35.98 -10.27 -18.24
C PHE A 152 -36.15 -10.69 -19.68
N GLY A 153 -36.68 -9.80 -20.53
CA GLY A 153 -36.84 -10.00 -21.98
C GLY A 153 -35.53 -10.33 -22.69
N LEU A 154 -34.43 -9.72 -22.27
CA LEU A 154 -33.12 -9.87 -22.94
C LEU A 154 -32.22 -10.78 -22.13
N ALA A 155 -32.68 -11.29 -20.99
CA ALA A 155 -31.84 -12.12 -20.10
C ALA A 155 -31.44 -13.40 -20.83
N LYS A 156 -30.31 -13.97 -20.46
CA LYS A 156 -29.75 -15.16 -21.13
C LYS A 156 -28.95 -15.95 -20.09
N LYS A 157 -29.02 -17.28 -20.16
CA LYS A 157 -28.19 -18.21 -19.37
C LYS A 157 -26.72 -17.96 -19.74
N TYR A 158 -25.85 -17.78 -18.76
CA TYR A 158 -24.39 -17.53 -18.98
C TYR A 158 -23.63 -18.77 -18.54
N ARG A 159 -24.31 -19.72 -17.92
CA ARG A 159 -23.67 -20.99 -17.53
C ARG A 159 -24.74 -22.06 -17.45
N ASP A 160 -24.35 -23.29 -17.74
CA ASP A 160 -25.14 -24.51 -17.45
C ASP A 160 -25.53 -24.56 -15.96
N ALA A 161 -26.83 -24.68 -15.68
CA ALA A 161 -27.42 -24.87 -14.33
C ALA A 161 -26.67 -25.99 -13.59
N ARG A 162 -26.35 -27.04 -14.32
CA ARG A 162 -25.78 -28.30 -13.79
C ARG A 162 -24.26 -28.15 -13.64
N THR A 163 -23.54 -27.97 -14.74
CA THR A 163 -22.05 -28.02 -14.76
C THR A 163 -21.45 -26.68 -14.34
N HIS A 164 -22.19 -25.59 -14.49
CA HIS A 164 -21.68 -24.19 -14.32
C HIS A 164 -20.64 -23.91 -15.41
N GLN A 165 -20.58 -24.72 -16.47
CA GLN A 165 -19.81 -24.46 -17.72
C GLN A 165 -20.26 -23.11 -18.28
N HIS A 166 -19.36 -22.15 -18.30
CA HIS A 166 -19.71 -20.78 -18.73
C HIS A 166 -20.03 -20.83 -20.24
N ILE A 167 -20.88 -19.97 -20.77
CA ILE A 167 -21.03 -19.84 -22.25
C ILE A 167 -19.67 -19.52 -22.85
N PRO A 168 -19.40 -19.94 -24.10
CA PRO A 168 -18.08 -19.67 -24.71
C PRO A 168 -17.95 -18.17 -25.04
N TYR A 169 -16.72 -17.67 -25.00
CA TYR A 169 -16.33 -16.36 -25.55
C TYR A 169 -16.80 -16.28 -27.00
N ARG A 170 -17.36 -15.16 -27.38
CA ARG A 170 -17.81 -14.91 -28.77
C ARG A 170 -17.63 -13.42 -29.05
N GLU A 171 -17.43 -13.08 -30.35
CA GLU A 171 -17.26 -11.69 -30.85
C GLU A 171 -18.30 -11.44 -31.94
N ASN A 172 -18.25 -10.24 -32.57
CA ASN A 172 -19.14 -9.79 -33.69
C ASN A 172 -20.61 -9.98 -33.29
N LYS A 173 -20.95 -9.73 -32.03
CA LYS A 173 -22.34 -9.60 -31.53
C LYS A 173 -22.83 -8.19 -31.86
N ASN A 174 -24.06 -8.08 -32.32
CA ASN A 174 -24.77 -6.78 -32.46
C ASN A 174 -25.20 -6.31 -31.08
N LEU A 175 -25.39 -5.00 -30.89
CA LEU A 175 -25.47 -4.36 -29.56
C LEU A 175 -26.87 -4.59 -28.96
N THR A 176 -26.93 -5.42 -27.90
CA THR A 176 -28.15 -5.86 -27.18
C THR A 176 -28.29 -5.02 -25.90
N GLY A 177 -29.38 -4.28 -25.80
CA GLY A 177 -29.69 -3.40 -24.65
C GLY A 177 -29.58 -1.94 -25.04
N THR A 178 -29.50 -1.06 -24.04
CA THR A 178 -29.42 0.42 -24.22
C THR A 178 -27.94 0.85 -24.27
N ALA A 179 -27.54 1.45 -25.39
CA ALA A 179 -26.15 1.90 -25.65
C ALA A 179 -25.62 2.77 -24.50
N ARG A 180 -26.46 3.60 -23.89
CA ARG A 180 -26.01 4.59 -22.87
C ARG A 180 -25.29 3.83 -21.72
N TYR A 181 -25.76 2.66 -21.34
CA TYR A 181 -25.23 1.94 -20.16
C TYR A 181 -24.45 0.70 -20.59
N ALA A 182 -24.30 0.45 -21.87
CA ALA A 182 -23.58 -0.75 -22.36
C ALA A 182 -22.11 -0.70 -21.94
N SER A 183 -21.56 -1.85 -21.60
CA SER A 183 -20.13 -2.05 -21.26
C SER A 183 -19.26 -1.73 -22.50
N ILE A 184 -18.03 -1.35 -22.29
CA ILE A 184 -17.06 -1.20 -23.40
C ILE A 184 -16.95 -2.54 -24.14
N ASN A 185 -16.95 -3.65 -23.43
CA ASN A 185 -16.85 -5.00 -24.07
C ASN A 185 -18.06 -5.22 -25.00
N THR A 186 -19.26 -4.77 -24.62
CA THR A 186 -20.46 -4.86 -25.51
C THR A 186 -20.26 -3.99 -26.75
N HIS A 187 -19.72 -2.78 -26.60
CA HIS A 187 -19.42 -1.89 -27.74
C HIS A 187 -18.45 -2.57 -28.68
N LEU A 188 -17.54 -3.38 -28.16
CA LEU A 188 -16.55 -4.12 -28.98
C LEU A 188 -17.19 -5.35 -29.62
N GLY A 189 -18.45 -5.66 -29.32
CA GLY A 189 -19.17 -6.81 -29.91
C GLY A 189 -18.88 -8.12 -29.19
N ILE A 190 -18.40 -8.06 -27.95
CA ILE A 190 -18.07 -9.26 -27.16
C ILE A 190 -19.35 -9.75 -26.48
N GLU A 191 -19.57 -11.07 -26.52
CA GLU A 191 -20.57 -11.79 -25.72
C GLU A 191 -20.61 -11.20 -24.29
N GLN A 192 -21.79 -10.85 -23.82
CA GLN A 192 -21.98 -10.28 -22.46
C GLN A 192 -21.82 -11.40 -21.44
N SER A 193 -21.30 -11.06 -20.28
CA SER A 193 -21.18 -11.99 -19.14
C SER A 193 -21.48 -11.22 -17.86
N ARG A 194 -21.19 -11.81 -16.72
CA ARG A 194 -21.55 -11.26 -15.41
C ARG A 194 -20.93 -9.88 -15.24
N ARG A 195 -19.70 -9.72 -15.69
CA ARG A 195 -18.98 -8.43 -15.57
C ARG A 195 -19.79 -7.30 -16.23
N ASP A 196 -20.45 -7.56 -17.35
CA ASP A 196 -21.13 -6.52 -18.16
C ASP A 196 -22.34 -5.97 -17.42
N ASP A 197 -23.11 -6.81 -16.71
CA ASP A 197 -24.22 -6.31 -15.86
C ASP A 197 -23.65 -5.33 -14.83
N LEU A 198 -22.56 -5.68 -14.19
CA LEU A 198 -21.97 -4.83 -13.13
C LEU A 198 -21.33 -3.57 -13.73
N GLU A 199 -20.68 -3.64 -14.89
CA GLU A 199 -20.10 -2.39 -15.49
C GLU A 199 -21.26 -1.42 -15.82
N SER A 200 -22.35 -1.93 -16.37
CA SER A 200 -23.57 -1.13 -16.67
C SER A 200 -24.08 -0.48 -15.37
N LEU A 201 -24.13 -1.20 -14.27
CA LEU A 201 -24.55 -0.62 -12.98
C LEU A 201 -23.65 0.56 -12.65
N GLY A 202 -22.35 0.41 -12.91
CA GLY A 202 -21.38 1.46 -12.60
C GLY A 202 -21.69 2.73 -13.36
N TYR A 203 -22.07 2.62 -14.62
CA TYR A 203 -22.49 3.80 -15.41
C TYR A 203 -23.79 4.35 -14.87
N VAL A 204 -24.72 3.48 -14.45
CA VAL A 204 -26.01 3.93 -13.86
C VAL A 204 -25.72 4.76 -12.61
N LEU A 205 -24.80 4.31 -11.75
CA LEU A 205 -24.51 5.04 -10.50
C LEU A 205 -23.88 6.41 -10.83
N MET A 206 -22.96 6.49 -11.81
CA MET A 206 -22.35 7.80 -12.18
C MET A 206 -23.39 8.68 -12.89
N TYR A 207 -24.31 8.08 -13.62
CA TYR A 207 -25.49 8.77 -14.23
C TYR A 207 -26.30 9.45 -13.12
N PHE A 208 -26.60 8.74 -12.03
CA PHE A 208 -27.34 9.32 -10.88
C PHE A 208 -26.54 10.45 -10.26
N ASN A 209 -25.22 10.30 -10.20
CA ASN A 209 -24.32 11.31 -9.59
C ASN A 209 -24.27 12.57 -10.47
N LEU A 210 -24.24 12.41 -11.79
CA LEU A 210 -23.97 13.53 -12.74
C LEU A 210 -25.26 14.16 -13.28
N GLY A 211 -26.37 13.41 -13.36
CA GLY A 211 -27.57 13.87 -14.05
C GLY A 211 -27.59 13.47 -15.51
N SER A 212 -26.46 13.01 -16.02
CA SER A 212 -26.29 12.56 -17.43
C SER A 212 -24.90 11.96 -17.56
N LEU A 213 -24.67 11.20 -18.60
CA LEU A 213 -23.31 10.69 -18.91
C LEU A 213 -22.75 11.48 -20.10
N PRO A 214 -21.41 11.60 -20.19
CA PRO A 214 -20.77 12.41 -21.21
C PRO A 214 -21.08 11.95 -22.65
N TRP A 215 -21.54 10.72 -22.83
CA TRP A 215 -21.82 10.13 -24.16
C TRP A 215 -23.33 10.14 -24.45
N GLN A 216 -24.09 10.84 -23.62
CA GLN A 216 -25.53 11.10 -23.84
C GLN A 216 -25.72 12.23 -24.84
N GLY A 217 -26.81 12.15 -25.60
CA GLY A 217 -27.26 13.19 -26.54
C GLY A 217 -26.18 13.52 -27.54
N LEU A 218 -25.48 12.53 -28.07
CA LEU A 218 -24.53 12.72 -29.21
C LEU A 218 -25.33 12.62 -30.51
N LYS A 219 -25.02 13.49 -31.48
CA LYS A 219 -25.79 13.62 -32.73
C LYS A 219 -25.35 12.51 -33.68
N ALA A 220 -26.33 11.75 -34.21
CA ALA A 220 -26.17 10.87 -35.40
C ALA A 220 -27.51 10.71 -36.11
N ALA A 221 -27.49 10.59 -37.44
CA ALA A 221 -28.67 10.33 -38.31
C ALA A 221 -29.13 8.88 -38.13
N LYS A 223 -28.56 4.73 -36.63
CA LYS A 223 -28.45 4.18 -35.28
C LYS A 223 -27.04 3.58 -35.05
N ARG A 224 -26.49 2.85 -36.01
CA ARG A 224 -25.17 2.20 -35.84
C ARG A 224 -24.07 3.27 -35.70
N GLN A 225 -24.21 4.39 -36.40
CA GLN A 225 -23.33 5.59 -36.26
C GLN A 225 -23.51 6.22 -34.88
N LYS A 226 -24.73 6.25 -34.35
CA LYS A 226 -25.01 6.73 -32.97
C LYS A 226 -24.28 5.83 -31.97
N TYR A 227 -24.34 4.51 -32.13
CA TYR A 227 -23.67 3.53 -31.23
C TYR A 227 -22.15 3.65 -31.36
N GLU A 228 -21.64 3.87 -32.56
CA GLU A 228 -20.18 4.07 -32.79
C GLU A 228 -19.73 5.36 -32.08
N ARG A 229 -20.51 6.44 -32.16
CA ARG A 229 -20.19 7.73 -31.49
C ARG A 229 -20.22 7.54 -29.95
N ILE A 230 -21.18 6.79 -29.43
CA ILE A 230 -21.27 6.49 -27.98
C ILE A 230 -20.05 5.65 -27.59
N SER A 231 -19.71 4.67 -28.39
CA SER A 231 -18.56 3.78 -28.18
C SER A 231 -17.28 4.62 -28.12
N GLU A 232 -17.11 5.56 -29.04
CA GLU A 232 -15.86 6.37 -29.19
C GLU A 232 -15.74 7.26 -27.95
N LYS A 233 -16.84 7.89 -27.54
CA LYS A 233 -16.83 8.80 -26.38
C LYS A 233 -16.53 8.01 -25.09
N LYS A 234 -17.19 6.86 -24.93
CA LYS A 234 -16.99 5.95 -23.76
C LYS A 234 -15.51 5.53 -23.68
N MET A 235 -14.92 5.13 -24.81
CA MET A 235 -13.55 4.56 -24.82
C MET A 235 -12.51 5.70 -24.75
N SER A 236 -12.90 6.95 -24.93
CA SER A 236 -11.98 8.10 -24.85
C SER A 236 -12.27 8.91 -23.58
N THR A 237 -13.12 8.41 -22.68
CA THR A 237 -13.35 9.02 -21.37
C THR A 237 -12.75 8.13 -20.29
N PRO A 238 -11.54 8.47 -19.78
CA PRO A 238 -10.95 7.73 -18.69
C PRO A 238 -11.91 7.72 -17.49
N ILE A 239 -11.87 6.64 -16.72
CA ILE A 239 -12.74 6.46 -15.53
C ILE A 239 -12.46 7.58 -14.53
N GLU A 240 -11.21 8.04 -14.42
CA GLU A 240 -10.93 9.13 -13.46
C GLU A 240 -11.57 10.44 -13.96
N VAL A 241 -11.73 10.61 -15.26
CA VAL A 241 -12.39 11.85 -15.81
C VAL A 241 -13.93 11.73 -15.61
N LEU A 242 -14.51 10.59 -15.96
CA LEU A 242 -15.94 10.29 -15.75
C LEU A 242 -16.32 10.59 -14.31
N CYS A 243 -15.51 10.12 -13.35
CA CYS A 243 -15.84 10.12 -11.93
C CYS A 243 -15.28 11.33 -11.19
N LYS A 244 -14.64 12.28 -11.87
CA LYS A 244 -14.01 13.44 -11.19
C LYS A 244 -15.05 14.20 -10.32
N GLY A 245 -14.67 14.59 -9.12
CA GLY A 245 -15.55 15.34 -8.19
C GLY A 245 -16.48 14.44 -7.37
N TYR A 246 -16.42 13.12 -7.56
CA TYR A 246 -17.25 12.12 -6.83
C TYR A 246 -16.32 11.24 -6.03
N PRO A 247 -16.78 10.64 -4.93
CA PRO A 247 -15.91 9.74 -4.16
C PRO A 247 -15.22 8.70 -5.05
N SER A 248 -13.95 8.41 -4.74
CA SER A 248 -13.05 7.49 -5.49
C SER A 248 -13.71 6.10 -5.68
N GLU A 249 -14.63 5.71 -4.82
CA GLU A 249 -15.25 4.37 -4.87
C GLU A 249 -15.96 4.14 -6.20
N PHE A 250 -16.55 5.18 -6.82
CA PHE A 250 -17.26 5.02 -8.10
C PHE A 250 -16.25 4.63 -9.18
N ALA A 251 -15.05 5.24 -9.16
CA ALA A 251 -13.95 4.92 -10.09
C ALA A 251 -13.40 3.50 -9.80
N THR A 252 -13.11 3.20 -8.54
CA THR A 252 -12.61 1.89 -8.10
C THR A 252 -13.58 0.81 -8.61
N TYR A 253 -14.88 0.99 -8.34
CA TYR A 253 -15.93 0.06 -8.83
C TYR A 253 -15.78 -0.15 -10.36
N LEU A 254 -15.71 0.93 -11.12
CA LEU A 254 -15.70 0.77 -12.60
C LEU A 254 -14.38 0.13 -13.05
N ASN A 255 -13.28 0.47 -12.43
CA ASN A 255 -11.93 -0.11 -12.76
C ASN A 255 -11.98 -1.62 -12.48
N PHE A 256 -12.58 -2.00 -11.36
CA PHE A 256 -12.74 -3.41 -10.98
C PHE A 256 -13.53 -4.13 -12.06
N CYS A 257 -14.67 -3.58 -12.47
CA CYS A 257 -15.51 -4.24 -13.49
C CYS A 257 -14.74 -4.39 -14.78
N ARG A 258 -14.00 -3.35 -15.20
CA ARG A 258 -13.28 -3.35 -16.48
C ARG A 258 -12.15 -4.37 -16.45
N SER A 259 -11.66 -4.74 -15.27
CA SER A 259 -10.55 -5.69 -15.08
C SER A 259 -11.04 -7.15 -15.09
N LEU A 260 -12.34 -7.40 -14.99
CA LEU A 260 -12.83 -8.77 -14.85
C LEU A 260 -12.60 -9.53 -16.14
N ARG A 261 -12.28 -10.80 -16.03
CA ARG A 261 -12.18 -11.69 -17.19
C ARG A 261 -13.59 -12.13 -17.59
N PHE A 262 -13.75 -12.50 -18.85
CA PHE A 262 -15.04 -12.94 -19.43
C PHE A 262 -15.76 -13.88 -18.45
N ASP A 263 -15.08 -14.92 -17.95
CA ASP A 263 -15.77 -15.95 -17.13
C ASP A 263 -15.56 -15.75 -15.62
N ASP A 264 -14.97 -14.65 -15.20
CA ASP A 264 -14.73 -14.41 -13.75
C ASP A 264 -16.08 -14.29 -13.04
N LYS A 265 -16.17 -14.89 -11.87
CA LYS A 265 -17.19 -14.60 -10.85
C LYS A 265 -16.81 -13.29 -10.19
N PRO A 266 -17.61 -12.23 -10.36
CA PRO A 266 -17.30 -10.97 -9.71
C PRO A 266 -17.27 -11.14 -8.20
N ASP A 267 -16.42 -10.39 -7.54
CA ASP A 267 -16.44 -10.27 -6.07
C ASP A 267 -17.52 -9.21 -5.71
N TYR A 268 -18.80 -9.63 -5.74
CA TYR A 268 -19.97 -8.78 -5.36
C TYR A 268 -19.76 -8.19 -3.97
N SER A 269 -19.26 -8.99 -3.03
CA SER A 269 -19.09 -8.62 -1.60
C SER A 269 -18.08 -7.49 -1.47
N TYR A 270 -16.97 -7.58 -2.21
CA TYR A 270 -15.97 -6.50 -2.27
C TYR A 270 -16.65 -5.22 -2.76
N LEU A 271 -17.43 -5.29 -3.83
CA LEU A 271 -18.04 -4.07 -4.45
C LEU A 271 -19.03 -3.44 -3.48
N ARG A 272 -19.87 -4.25 -2.81
CA ARG A 272 -20.81 -3.73 -1.80
C ARG A 272 -20.00 -3.11 -0.64
N GLN A 273 -18.91 -3.77 -0.21
CA GLN A 273 -18.13 -3.32 0.97
C GLN A 273 -17.45 -1.99 0.61
N LEU A 274 -17.08 -1.82 -0.64
CA LEU A 274 -16.48 -0.55 -1.13
C LEU A 274 -17.45 0.62 -0.83
N PHE A 275 -18.71 0.47 -1.22
CA PHE A 275 -19.73 1.51 -1.05
C PHE A 275 -20.12 1.61 0.42
N ARG A 276 -20.20 0.49 1.13
CA ARG A 276 -20.57 0.46 2.57
C ARG A 276 -19.53 1.25 3.37
N ASN A 277 -18.24 1.10 3.08
CA ASN A 277 -17.18 1.80 3.83
C ASN A 277 -17.32 3.29 3.56
N LEU A 278 -17.61 3.67 2.34
CA LEU A 278 -17.83 5.11 2.01
C LEU A 278 -19.06 5.63 2.76
N PHE A 279 -20.14 4.84 2.73
CA PHE A 279 -21.41 5.16 3.41
C PHE A 279 -21.14 5.46 4.89
N HIS A 280 -20.40 4.58 5.56
CA HIS A 280 -19.99 4.72 6.99
C HIS A 280 -19.07 5.93 7.17
N ARG A 281 -18.09 6.16 6.30
CA ARG A 281 -17.17 7.35 6.39
CA ARG A 281 -17.19 7.34 6.42
C ARG A 281 -18.03 8.62 6.33
N GLN A 282 -19.13 8.59 5.59
CA GLN A 282 -20.02 9.80 5.49
C GLN A 282 -20.89 9.90 6.75
N GLY A 283 -20.93 8.86 7.57
CA GLY A 283 -21.80 8.81 8.78
C GLY A 283 -23.27 8.59 8.44
N PHE A 284 -23.57 8.01 7.28
CA PHE A 284 -24.96 7.68 6.87
C PHE A 284 -25.45 6.43 7.63
N SER A 285 -26.74 6.30 7.84
CA SER A 285 -27.43 5.07 8.37
C SER A 285 -28.26 4.41 7.26
N TYR A 286 -28.25 3.07 7.22
CA TYR A 286 -29.10 2.25 6.33
C TYR A 286 -30.53 2.27 6.90
N ASP A 287 -31.21 3.43 6.78
CA ASP A 287 -32.59 3.66 7.27
C ASP A 287 -33.55 3.78 6.09
N TYR A 288 -33.08 3.55 4.84
CA TYR A 288 -33.90 3.54 3.62
C TYR A 288 -34.71 4.84 3.49
N VAL A 289 -34.18 5.96 4.00
CA VAL A 289 -34.77 7.29 3.74
C VAL A 289 -34.12 7.85 2.49
N PHE A 290 -34.77 7.64 1.35
CA PHE A 290 -34.28 8.07 0.03
C PHE A 290 -34.70 9.52 -0.20
N ASP A 291 -34.07 10.16 -1.17
CA ASP A 291 -34.38 11.57 -1.50
C ASP A 291 -35.89 11.73 -1.72
N TRP A 292 -36.50 10.82 -2.47
CA TRP A 292 -37.91 10.94 -2.88
C TRP A 292 -38.83 10.84 -1.67
N ASN A 293 -38.38 10.22 -0.58
CA ASN A 293 -39.20 10.10 0.65
C ASN A 293 -39.42 11.47 1.26
N MET A 294 -38.62 12.47 0.90
CA MET A 294 -38.66 13.79 1.57
C MET A 294 -39.35 14.83 0.68
N LEU A 295 -39.87 14.45 -0.49
CA LEU A 295 -40.72 15.35 -1.33
C LEU A 295 -42.02 15.63 -0.53
N LYS A 296 -42.42 16.89 -0.41
CA LYS A 296 -43.62 17.27 0.40
C LYS A 296 -44.73 17.76 -0.53
N LEU B 5 51.42 -30.18 26.04
CA LEU B 5 50.48 -31.03 26.86
C LEU B 5 49.71 -31.99 25.93
N ARG B 6 49.64 -33.26 26.34
CA ARG B 6 48.67 -34.29 25.86
C ARG B 6 47.31 -34.00 26.49
N VAL B 7 46.24 -34.00 25.69
CA VAL B 7 44.86 -33.79 26.19
C VAL B 7 43.93 -34.86 25.58
N GLY B 8 43.09 -35.46 26.41
CA GLY B 8 42.16 -36.54 25.98
C GLY B 8 42.84 -37.57 25.09
N ASN B 9 44.11 -37.90 25.41
CA ASN B 9 44.93 -38.97 24.76
C ASN B 9 45.47 -38.54 23.38
N ARG B 10 44.63 -37.92 22.53
CA ARG B 10 44.91 -37.81 21.07
C ARG B 10 45.11 -36.35 20.67
N TYR B 11 44.96 -35.40 21.60
CA TYR B 11 45.07 -33.95 21.29
C TYR B 11 46.37 -33.41 21.91
N ARG B 12 47.09 -32.66 21.10
CA ARG B 12 48.31 -31.97 21.52
C ARG B 12 48.02 -30.48 21.61
N LEU B 13 48.23 -29.91 22.78
CA LEU B 13 48.07 -28.45 23.01
C LEU B 13 49.19 -27.68 22.31
N GLY B 14 48.83 -26.65 21.55
CA GLY B 14 49.76 -25.66 20.96
C GLY B 14 49.65 -24.33 21.70
N ARG B 15 49.89 -23.24 21.00
CA ARG B 15 49.96 -21.89 21.60
C ARG B 15 48.56 -21.31 21.72
N LYS B 16 48.38 -20.35 22.61
CA LYS B 16 47.15 -19.54 22.75
C LYS B 16 46.86 -18.84 21.41
N ILE B 17 45.60 -18.81 21.00
CA ILE B 17 45.15 -18.03 19.81
C ILE B 17 44.10 -17.00 20.25
N GLY B 18 43.60 -17.08 21.47
CA GLY B 18 42.54 -16.18 21.91
C GLY B 18 42.35 -16.20 23.41
N SER B 19 42.03 -15.04 23.98
CA SER B 19 41.72 -14.86 25.40
C SER B 19 40.27 -14.38 25.51
N GLY B 20 39.37 -15.25 26.00
CA GLY B 20 38.00 -14.90 26.40
C GLY B 20 37.97 -14.32 27.79
N SER B 21 36.82 -13.83 28.23
CA SER B 21 36.64 -13.36 29.63
C SER B 21 36.69 -14.57 30.57
N PHE B 22 36.61 -15.80 30.04
CA PHE B 22 36.22 -17.02 30.78
C PHE B 22 37.25 -18.14 30.54
N GLY B 23 37.32 -18.64 29.31
CA GLY B 23 38.41 -19.53 28.87
C GLY B 23 39.45 -18.81 28.02
N ASP B 24 40.63 -19.39 27.91
CA ASP B 24 41.57 -19.15 26.80
C ASP B 24 41.46 -20.29 25.79
N ILE B 25 41.60 -19.94 24.51
CA ILE B 25 41.53 -20.85 23.35
C ILE B 25 42.96 -21.08 22.88
N TYR B 26 43.32 -22.36 22.66
CA TYR B 26 44.67 -22.76 22.19
C TYR B 26 44.50 -23.48 20.87
N LEU B 27 45.43 -23.25 19.95
CA LEU B 27 45.60 -24.11 18.77
C LEU B 27 45.94 -25.51 19.31
N GLY B 28 45.46 -26.53 18.65
CA GLY B 28 45.74 -27.92 19.01
C GLY B 28 45.82 -28.73 17.77
N THR B 29 46.31 -29.94 17.89
CA THR B 29 46.33 -30.92 16.81
C THR B 29 45.62 -32.16 17.31
N ASP B 30 44.71 -32.67 16.50
CA ASP B 30 44.18 -34.04 16.63
C ASP B 30 45.22 -34.96 16.00
N ILE B 31 46.07 -35.52 16.82
CA ILE B 31 47.28 -36.28 16.40
C ILE B 31 46.78 -37.52 15.66
N ALA B 32 45.64 -38.08 16.06
CA ALA B 32 45.11 -39.31 15.45
C ALA B 32 44.63 -39.01 14.04
N ALA B 33 43.97 -37.86 13.83
CA ALA B 33 43.29 -37.50 12.58
C ALA B 33 44.20 -36.68 11.67
N GLY B 34 45.25 -36.06 12.19
CA GLY B 34 46.07 -35.10 11.41
C GLY B 34 45.27 -33.81 11.08
N GLU B 35 44.60 -33.24 12.05
CA GLU B 35 43.72 -32.03 11.84
C GLU B 35 43.95 -31.05 12.97
N GLU B 36 44.00 -29.77 12.68
CA GLU B 36 44.08 -28.74 13.73
C GLU B 36 42.70 -28.64 14.36
N VAL B 37 42.69 -28.30 15.64
CA VAL B 37 41.49 -28.10 16.51
C VAL B 37 41.73 -26.86 17.34
N ALA B 38 40.69 -26.39 17.99
CA ALA B 38 40.78 -25.34 19.04
C ALA B 38 40.51 -26.04 20.37
N ILE B 39 41.30 -25.73 21.38
CA ILE B 39 41.14 -26.31 22.73
C ILE B 39 40.88 -25.17 23.71
N LYS B 40 39.76 -25.23 24.39
CA LYS B 40 39.40 -24.23 25.42
C LYS B 40 39.68 -24.88 26.77
N LEU B 41 40.39 -24.15 27.60
CA LEU B 41 40.86 -24.57 28.94
C LEU B 41 40.26 -23.62 29.95
N GLU B 42 39.71 -24.17 31.01
CA GLU B 42 39.22 -23.43 32.20
C GLU B 42 39.88 -24.06 33.42
N CYS B 43 40.58 -23.26 34.22
CA CYS B 43 41.20 -23.69 35.50
C CYS B 43 40.12 -24.38 36.33
N VAL B 44 40.38 -25.61 36.76
CA VAL B 44 39.42 -26.39 37.60
C VAL B 44 39.02 -25.53 38.82
N LYS B 45 39.96 -24.74 39.37
CA LYS B 45 39.80 -23.96 40.62
C LYS B 45 39.24 -22.56 40.36
N THR B 46 38.81 -22.26 39.12
CA THR B 46 38.11 -21.00 38.78
C THR B 46 36.98 -20.80 39.78
N LYS B 47 36.69 -19.55 40.14
CA LYS B 47 35.65 -19.15 41.13
C LYS B 47 34.27 -19.54 40.57
N HIS B 48 34.09 -19.36 39.26
CA HIS B 48 32.80 -19.49 38.55
C HIS B 48 32.96 -20.43 37.36
N PRO B 49 32.83 -21.76 37.60
CA PRO B 49 32.97 -22.74 36.54
C PRO B 49 31.81 -22.63 35.54
N GLN B 50 32.13 -22.61 34.25
CA GLN B 50 31.19 -22.25 33.16
C GLN B 50 31.46 -23.08 31.91
N LEU B 51 32.68 -23.62 31.75
CA LEU B 51 33.02 -24.35 30.52
C LEU B 51 32.10 -25.55 30.43
N HIS B 52 31.90 -26.28 31.52
CA HIS B 52 31.02 -27.49 31.53
C HIS B 52 29.64 -27.06 31.08
N ILE B 53 29.22 -25.85 31.48
CA ILE B 53 27.87 -25.31 31.15
C ILE B 53 27.83 -25.02 29.65
N GLU B 54 28.80 -24.25 29.14
CA GLU B 54 28.91 -23.97 27.68
C GLU B 54 28.95 -25.29 26.87
N SER B 55 29.70 -26.30 27.30
CA SER B 55 29.83 -27.59 26.55
C SER B 55 28.44 -28.26 26.46
N LYS B 56 27.64 -28.19 27.51
CA LYS B 56 26.27 -28.78 27.53
C LYS B 56 25.41 -28.08 26.48
N ILE B 57 25.57 -26.76 26.36
CA ILE B 57 24.77 -25.99 25.37
C ILE B 57 25.23 -26.37 23.97
N TYR B 58 26.54 -26.45 23.73
CA TYR B 58 27.07 -26.86 22.42
C TYR B 58 26.54 -28.23 22.03
N LYS B 59 26.39 -29.14 22.99
CA LYS B 59 25.96 -30.53 22.71
C LYS B 59 24.52 -30.51 22.20
N MET B 60 23.66 -29.76 22.88
CA MET B 60 22.26 -29.48 22.47
C MET B 60 22.24 -28.81 21.06
N MET B 61 23.23 -27.98 20.70
CA MET B 61 23.30 -27.26 19.39
C MET B 61 23.86 -28.16 18.27
N GLN B 62 24.45 -29.30 18.61
CA GLN B 62 25.30 -30.09 17.68
C GLN B 62 24.52 -30.41 16.40
N GLY B 63 25.22 -30.43 15.27
CA GLY B 63 24.65 -30.75 13.95
C GLY B 63 24.12 -29.51 13.24
N GLY B 64 24.12 -28.38 13.91
CA GLY B 64 23.76 -27.12 13.24
C GLY B 64 24.85 -26.69 12.29
N VAL B 65 24.50 -26.28 11.09
CA VAL B 65 25.33 -25.42 10.22
C VAL B 65 25.87 -24.23 11.05
N GLY B 66 27.17 -24.02 10.98
CA GLY B 66 27.83 -22.87 11.58
C GLY B 66 27.84 -22.93 13.09
N ILE B 67 27.65 -24.10 13.66
CA ILE B 67 27.92 -24.37 15.10
C ILE B 67 29.21 -25.19 15.14
N PRO B 68 30.26 -24.73 15.84
CA PRO B 68 31.52 -25.47 15.88
C PRO B 68 31.28 -26.85 16.48
N THR B 69 31.81 -27.90 15.84
CA THR B 69 31.72 -29.30 16.31
C THR B 69 32.49 -29.43 17.63
N ILE B 70 31.94 -30.07 18.65
CA ILE B 70 32.70 -30.35 19.89
C ILE B 70 33.30 -31.76 19.72
N ARG B 71 34.60 -31.86 19.76
CA ARG B 71 35.29 -33.15 19.49
C ARG B 71 35.48 -33.95 20.79
N TRP B 72 35.70 -33.27 21.92
CA TRP B 72 36.06 -33.93 23.20
C TRP B 72 35.89 -32.96 24.36
N CYS B 73 35.34 -33.43 25.48
CA CYS B 73 35.25 -32.70 26.76
C CYS B 73 35.79 -33.60 27.85
N GLY B 74 36.59 -33.08 28.77
CA GLY B 74 37.14 -33.83 29.89
C GLY B 74 37.81 -32.90 30.87
N ALA B 75 38.43 -33.43 31.89
CA ALA B 75 39.38 -32.69 32.73
C ALA B 75 40.76 -33.26 32.47
N GLU B 76 41.78 -32.42 32.56
CA GLU B 76 43.20 -32.82 32.33
C GLU B 76 44.07 -31.91 33.19
N GLY B 77 44.84 -32.47 34.11
CA GLY B 77 45.71 -31.71 35.03
C GLY B 77 44.88 -30.68 35.76
N ASP B 78 45.25 -29.41 35.67
CA ASP B 78 44.61 -28.29 36.41
C ASP B 78 43.51 -27.63 35.55
N TYR B 79 42.97 -28.34 34.55
CA TYR B 79 42.07 -27.74 33.53
C TYR B 79 40.87 -28.63 33.27
N ASN B 80 39.72 -27.98 33.13
CA ASN B 80 38.57 -28.46 32.33
C ASN B 80 38.86 -28.12 30.86
N VAL B 81 38.48 -29.02 29.96
CA VAL B 81 38.94 -29.00 28.54
C VAL B 81 37.73 -29.18 27.65
N MET B 82 37.64 -28.35 26.63
CA MET B 82 36.71 -28.55 25.51
C MET B 82 37.51 -28.43 24.22
N VAL B 83 37.55 -29.49 23.44
CA VAL B 83 38.18 -29.48 22.11
C VAL B 83 37.10 -29.29 21.07
N MET B 84 37.31 -28.39 20.14
CA MET B 84 36.32 -28.04 19.13
C MET B 84 36.98 -27.81 17.79
N GLU B 85 36.17 -27.83 16.77
CA GLU B 85 36.52 -27.40 15.42
C GLU B 85 37.34 -26.11 15.52
N LEU B 86 38.39 -26.01 14.74
CA LEU B 86 39.18 -24.78 14.61
C LEU B 86 38.48 -23.86 13.62
N LEU B 87 38.15 -22.65 14.05
CA LEU B 87 37.51 -21.66 13.16
C LEU B 87 38.50 -20.59 12.77
N GLY B 88 38.07 -19.73 11.87
CA GLY B 88 38.87 -18.64 11.34
C GLY B 88 38.64 -17.36 12.11
N PRO B 89 39.02 -16.23 11.52
CA PRO B 89 38.92 -14.93 12.16
C PRO B 89 37.45 -14.55 12.44
N SER B 90 37.22 -13.79 13.49
CA SER B 90 35.94 -13.13 13.82
C SER B 90 35.59 -12.06 12.80
N LEU B 91 34.30 -11.71 12.71
CA LEU B 91 33.84 -10.65 11.80
C LEU B 91 34.46 -9.31 12.24
N GLU B 92 34.70 -9.10 13.54
CA GLU B 92 35.42 -7.88 14.02
C GLU B 92 36.83 -7.88 13.45
N ASP B 93 37.54 -9.00 13.58
CA ASP B 93 38.90 -9.14 13.02
C ASP B 93 38.86 -8.81 11.51
N LEU B 94 37.92 -9.39 10.78
CA LEU B 94 37.88 -9.22 9.31
C LEU B 94 37.45 -7.79 8.98
N PHE B 95 36.61 -7.19 9.82
CA PHE B 95 36.20 -5.76 9.64
C PHE B 95 37.46 -4.86 9.74
N ASN B 96 38.30 -5.09 10.76
CA ASN B 96 39.59 -4.35 10.95
C ASN B 96 40.50 -4.62 9.76
N PHE B 97 40.60 -5.85 9.30
CA PHE B 97 41.45 -6.19 8.12
C PHE B 97 40.95 -5.44 6.88
N CYS B 98 39.65 -5.20 6.81
CA CYS B 98 39.01 -4.51 5.65
C CYS B 98 38.98 -2.99 5.89
N SER B 99 39.77 -2.47 6.82
CA SER B 99 39.80 -1.02 7.15
C SER B 99 38.41 -0.54 7.59
N ARG B 100 37.67 -1.38 8.32
CA ARG B 100 36.40 -1.01 9.00
C ARG B 100 35.41 -0.44 7.98
N LYS B 101 35.40 -1.01 6.78
CA LYS B 101 34.43 -0.76 5.70
C LYS B 101 34.05 -2.10 5.08
N PHE B 102 32.78 -2.52 5.17
CA PHE B 102 32.25 -3.64 4.37
C PHE B 102 31.41 -3.11 3.22
N SER B 103 31.52 -3.74 2.06
CA SER B 103 30.63 -3.46 0.90
C SER B 103 29.20 -3.89 1.31
N LEU B 104 28.21 -3.34 0.66
CA LEU B 104 26.81 -3.75 0.90
C LEU B 104 26.70 -5.26 0.68
N LYS B 105 27.32 -5.77 -0.38
CA LYS B 105 27.23 -7.21 -0.73
C LYS B 105 27.69 -8.04 0.46
N THR B 106 28.86 -7.70 1.03
CA THR B 106 29.40 -8.45 2.19
C THR B 106 28.40 -8.39 3.38
N VAL B 107 27.86 -7.22 3.68
CA VAL B 107 26.91 -7.03 4.81
C VAL B 107 25.70 -7.95 4.57
N LEU B 108 25.24 -8.07 3.34
CA LEU B 108 24.00 -8.83 3.03
C LEU B 108 24.32 -10.34 3.03
N LEU B 109 25.48 -10.75 2.51
CA LEU B 109 25.94 -12.16 2.61
C LEU B 109 26.00 -12.55 4.07
N LEU B 110 26.52 -11.67 4.93
CA LEU B 110 26.67 -11.95 6.37
C LEU B 110 25.27 -11.97 7.03
N ALA B 111 24.42 -11.01 6.69
CA ALA B 111 23.07 -10.88 7.31
C ALA B 111 22.29 -12.17 7.09
N ASP B 112 22.36 -12.72 5.87
CA ASP B 112 21.57 -13.92 5.52
C ASP B 112 21.97 -15.07 6.44
N GLN B 113 23.27 -15.29 6.64
CA GLN B 113 23.73 -16.42 7.44
C GLN B 113 23.50 -16.13 8.93
N MET B 114 23.69 -14.88 9.37
CA MET B 114 23.62 -14.55 10.80
C MET B 114 22.18 -14.70 11.28
N ILE B 115 21.20 -14.37 10.45
CA ILE B 115 19.76 -14.53 10.81
C ILE B 115 19.50 -16.05 10.93
N SER B 116 20.01 -16.86 10.00
CA SER B 116 19.89 -18.34 10.07
C SER B 116 20.58 -18.89 11.33
N ARG B 117 21.75 -18.40 11.71
CA ARG B 117 22.46 -18.93 12.90
C ARG B 117 21.59 -18.65 14.15
N ILE B 118 21.06 -17.45 14.27
CA ILE B 118 20.23 -17.05 15.45
C ILE B 118 18.94 -17.87 15.43
N GLU B 119 18.32 -18.03 14.27
CA GLU B 119 17.11 -18.85 14.18
C GLU B 119 17.44 -20.25 14.69
N TYR B 120 18.58 -20.79 14.29
CA TYR B 120 18.95 -22.17 14.63
C TYR B 120 19.01 -22.27 16.16
N ILE B 121 19.73 -21.35 16.80
CA ILE B 121 19.87 -21.34 18.28
C ILE B 121 18.46 -21.31 18.92
N HIS B 122 17.60 -20.43 18.47
CA HIS B 122 16.22 -20.28 18.96
C HIS B 122 15.48 -21.60 18.76
N SER B 123 15.70 -22.31 17.63
CA SER B 123 15.04 -23.62 17.37
C SER B 123 15.48 -24.63 18.44
N LYS B 124 16.61 -24.42 19.10
CA LYS B 124 17.13 -25.31 20.16
C LYS B 124 16.78 -24.74 21.53
N ASN B 125 15.87 -23.77 21.61
CA ASN B 125 15.24 -23.31 22.88
C ASN B 125 16.16 -22.37 23.67
N PHE B 126 17.21 -21.86 23.03
CA PHE B 126 18.14 -20.90 23.67
C PHE B 126 18.04 -19.53 22.97
N ILE B 127 18.34 -18.48 23.72
CA ILE B 127 18.75 -17.18 23.19
C ILE B 127 20.22 -17.01 23.52
N HIS B 128 20.91 -16.27 22.70
CA HIS B 128 22.38 -16.20 22.73
C HIS B 128 22.81 -15.14 23.73
N ARG B 129 22.28 -13.92 23.58
CA ARG B 129 22.37 -12.81 24.54
C ARG B 129 23.76 -12.16 24.48
N ASP B 130 24.57 -12.49 23.48
CA ASP B 130 25.86 -11.76 23.28
C ASP B 130 26.15 -11.67 21.79
N VAL B 131 25.15 -11.24 21.04
CA VAL B 131 25.23 -11.08 19.57
C VAL B 131 26.10 -9.86 19.31
N LYS B 132 27.31 -10.10 18.78
CA LYS B 132 28.28 -9.05 18.49
C LYS B 132 29.25 -9.60 17.46
N PRO B 133 29.92 -8.75 16.68
CA PRO B 133 30.80 -9.21 15.59
C PRO B 133 31.95 -10.12 16.07
N ASP B 134 32.38 -9.99 17.32
CA ASP B 134 33.49 -10.77 17.94
C ASP B 134 33.02 -12.22 18.12
N ASN B 135 31.72 -12.48 18.08
CA ASN B 135 31.18 -13.81 18.43
C ASN B 135 30.74 -14.54 17.16
N PHE B 136 30.99 -13.96 16.02
CA PHE B 136 30.81 -14.62 14.71
C PHE B 136 32.19 -14.79 14.06
N LEU B 137 32.50 -16.02 13.71
CA LEU B 137 33.81 -16.43 13.15
C LEU B 137 33.54 -17.10 11.80
N MET B 138 34.33 -16.80 10.78
CA MET B 138 34.24 -17.55 9.51
C MET B 138 34.92 -18.90 9.75
N GLY B 139 34.48 -19.95 9.07
CA GLY B 139 35.20 -21.24 9.09
C GLY B 139 36.54 -21.11 8.38
N LEU B 140 37.32 -22.18 8.39
CA LEU B 140 38.58 -22.32 7.64
C LEU B 140 38.37 -23.39 6.57
N GLY B 141 39.19 -23.35 5.53
CA GLY B 141 39.25 -24.38 4.48
C GLY B 141 37.92 -24.51 3.76
N LYS B 142 37.34 -25.70 3.75
CA LYS B 142 36.08 -25.96 3.02
C LYS B 142 34.92 -25.22 3.70
N LYS B 143 35.05 -24.85 4.98
CA LYS B 143 34.03 -24.14 5.77
C LYS B 143 34.25 -22.62 5.68
N GLY B 144 35.16 -22.17 4.82
CA GLY B 144 35.59 -20.76 4.73
C GLY B 144 34.47 -19.84 4.27
N ASN B 145 33.42 -20.34 3.63
CA ASN B 145 32.26 -19.51 3.20
C ASN B 145 31.20 -19.41 4.32
N LEU B 146 31.38 -20.14 5.42
CA LEU B 146 30.34 -20.33 6.46
C LEU B 146 30.63 -19.39 7.64
N VAL B 147 29.62 -18.62 8.04
CA VAL B 147 29.63 -17.83 9.29
C VAL B 147 29.26 -18.76 10.44
N TYR B 148 30.09 -18.82 11.46
CA TYR B 148 29.83 -19.59 12.70
C TYR B 148 29.47 -18.62 13.79
N ILE B 149 28.75 -19.08 14.78
CA ILE B 149 28.52 -18.34 16.03
C ILE B 149 29.15 -19.13 17.17
N ILE B 150 29.74 -18.42 18.12
CA ILE B 150 30.44 -19.00 19.28
C ILE B 150 30.02 -18.25 20.53
N ASP B 151 30.61 -18.67 21.66
CA ASP B 151 30.48 -18.10 23.00
C ASP B 151 29.04 -18.21 23.46
N PHE B 152 28.69 -19.35 24.01
CA PHE B 152 27.36 -19.61 24.59
C PHE B 152 27.44 -19.46 26.08
N GLY B 153 28.46 -18.73 26.57
CA GLY B 153 28.67 -18.42 28.00
C GLY B 153 27.47 -17.69 28.62
N LEU B 154 26.79 -16.85 27.88
CA LEU B 154 25.67 -16.03 28.43
C LEU B 154 24.34 -16.61 27.97
N ALA B 155 24.35 -17.65 27.16
CA ALA B 155 23.10 -18.19 26.56
C ALA B 155 22.20 -18.73 27.66
N LYS B 156 20.90 -18.73 27.40
CA LYS B 156 19.88 -19.10 28.40
C LYS B 156 18.69 -19.72 27.65
N LYS B 157 18.07 -20.73 28.24
CA LYS B 157 16.80 -21.31 27.74
C LYS B 157 15.72 -20.24 27.82
N TYR B 158 14.97 -19.99 26.73
CA TYR B 158 13.86 -19.00 26.71
C TYR B 158 12.53 -19.75 26.70
N ARG B 159 12.57 -21.08 26.52
CA ARG B 159 11.35 -21.89 26.60
C ARG B 159 11.68 -23.28 27.04
N ASP B 160 10.74 -23.91 27.75
CA ASP B 160 10.70 -25.38 28.00
C ASP B 160 10.83 -26.17 26.69
N ALA B 161 11.83 -27.05 26.62
CA ALA B 161 12.10 -28.00 25.52
C ALA B 161 10.83 -28.77 25.15
N ARG B 162 10.05 -29.14 26.16
CA ARG B 162 8.86 -30.00 26.03
C ARG B 162 7.65 -29.14 25.66
N THR B 163 7.24 -28.23 26.53
CA THR B 163 5.97 -27.47 26.40
C THR B 163 6.12 -26.29 25.45
N HIS B 164 7.33 -25.77 25.27
CA HIS B 164 7.60 -24.49 24.57
C HIS B 164 6.96 -23.32 25.37
N GLN B 165 6.65 -23.54 26.64
CA GLN B 165 6.32 -22.48 27.64
C GLN B 165 7.46 -21.46 27.68
N HIS B 166 7.20 -20.26 27.28
CA HIS B 166 8.22 -19.19 27.18
C HIS B 166 8.61 -18.82 28.64
N ILE B 167 9.83 -18.37 28.90
CA ILE B 167 10.18 -17.79 30.24
C ILE B 167 9.24 -16.63 30.50
N PRO B 168 8.92 -16.33 31.78
CA PRO B 168 8.04 -15.22 32.11
C PRO B 168 8.73 -13.88 31.82
N TYR B 169 7.93 -12.87 31.47
CA TYR B 169 8.32 -11.45 31.45
C TYR B 169 8.96 -11.09 32.78
N ARG B 170 10.09 -10.39 32.77
CA ARG B 170 10.74 -9.89 34.00
C ARG B 170 11.38 -8.54 33.68
N GLU B 171 11.51 -7.68 34.71
CA GLU B 171 12.08 -6.31 34.65
C GLU B 171 13.22 -6.24 35.67
N ASN B 172 13.89 -5.08 35.75
CA ASN B 172 15.03 -4.78 36.68
C ASN B 172 16.09 -5.89 36.58
N LYS B 173 16.34 -6.40 35.36
CA LYS B 173 17.56 -7.17 34.99
C LYS B 173 18.73 -6.20 34.81
N ASN B 174 19.88 -6.56 35.36
CA ASN B 174 21.16 -5.83 35.15
C ASN B 174 21.69 -6.22 33.78
N LEU B 175 22.48 -5.37 33.14
CA LEU B 175 22.74 -5.42 31.68
C LEU B 175 23.75 -6.52 31.37
N THR B 176 23.27 -7.60 30.72
CA THR B 176 24.02 -8.84 30.35
C THR B 176 24.41 -8.73 28.87
N GLY B 177 25.73 -8.75 28.63
CA GLY B 177 26.32 -8.67 27.29
C GLY B 177 27.00 -7.33 27.07
N THR B 178 27.25 -6.98 25.81
CA THR B 178 27.97 -5.74 25.40
C THR B 178 26.94 -4.64 25.10
N ALA B 179 27.00 -3.56 25.86
CA ALA B 179 26.08 -2.40 25.78
C ALA B 179 25.95 -1.91 24.32
N ARG B 180 27.04 -1.91 23.54
CA ARG B 180 27.05 -1.31 22.19
C ARG B 180 25.92 -1.93 21.33
N TYR B 181 25.68 -3.22 21.46
CA TYR B 181 24.76 -3.95 20.58
C TYR B 181 23.48 -4.35 21.33
N ALA B 182 23.36 -3.98 22.60
CA ALA B 182 22.19 -4.36 23.42
C ALA B 182 20.92 -3.72 22.83
N SER B 183 19.82 -4.46 22.90
CA SER B 183 18.47 -4.00 22.53
C SER B 183 18.03 -2.85 23.47
N ILE B 184 17.17 -1.98 23.01
CA ILE B 184 16.57 -0.96 23.88
C ILE B 184 15.88 -1.66 25.05
N ASN B 185 15.20 -2.79 24.81
CA ASN B 185 14.49 -3.52 25.89
C ASN B 185 15.51 -3.97 26.95
N THR B 186 16.72 -4.40 26.57
CA THR B 186 17.79 -4.76 27.53
C THR B 186 18.22 -3.53 28.33
N HIS B 187 18.35 -2.37 27.69
CA HIS B 187 18.69 -1.11 28.40
C HIS B 187 17.61 -0.78 29.41
N LEU B 188 16.37 -1.12 29.13
CA LEU B 188 15.23 -0.87 30.04
C LEU B 188 15.19 -1.92 31.16
N GLY B 189 16.07 -2.93 31.13
CA GLY B 189 16.15 -3.99 32.16
C GLY B 189 15.13 -5.10 31.94
N ILE B 190 14.62 -5.24 30.74
CA ILE B 190 13.64 -6.31 30.42
C ILE B 190 14.40 -7.59 30.11
N GLU B 191 13.92 -8.70 30.68
CA GLU B 191 14.32 -10.07 30.34
C GLU B 191 14.51 -10.18 28.81
N GLN B 192 15.66 -10.68 28.38
CA GLN B 192 15.95 -10.86 26.94
C GLN B 192 15.10 -12.03 26.40
N SER B 193 14.69 -11.90 25.16
CA SER B 193 14.00 -13.00 24.44
C SER B 193 14.49 -13.01 23.01
N ARG B 194 13.80 -13.75 22.14
CA ARG B 194 14.27 -14.01 20.78
C ARG B 194 14.44 -12.69 20.04
N ARG B 195 13.53 -11.74 20.25
CA ARG B 195 13.58 -10.43 19.57
C ARG B 195 14.92 -9.74 19.85
N ASP B 196 15.47 -9.85 21.05
CA ASP B 196 16.68 -9.10 21.47
C ASP B 196 17.91 -9.60 20.71
N ASP B 197 18.02 -10.90 20.45
CA ASP B 197 19.13 -11.41 19.62
C ASP B 197 19.03 -10.76 18.23
N LEU B 198 17.84 -10.69 17.65
CA LEU B 198 17.67 -10.14 16.30
C LEU B 198 17.85 -8.61 16.30
N GLU B 199 17.39 -7.88 17.31
CA GLU B 199 17.62 -6.41 17.33
C GLU B 199 19.15 -6.15 17.39
N SER B 200 19.87 -6.88 18.24
CA SER B 200 21.35 -6.79 18.33
C SER B 200 21.99 -7.03 16.96
N LEU B 201 21.54 -8.03 16.23
CA LEU B 201 22.07 -8.27 14.87
C LEU B 201 21.85 -7.03 14.01
N GLY B 202 20.72 -6.38 14.17
CA GLY B 202 20.38 -5.18 13.38
C GLY B 202 21.39 -4.06 13.64
N TYR B 203 21.79 -3.88 14.89
CA TYR B 203 22.84 -2.90 15.23
C TYR B 203 24.18 -3.35 14.67
N VAL B 204 24.47 -4.66 14.70
CA VAL B 204 25.74 -5.21 14.14
C VAL B 204 25.78 -4.90 12.65
N LEU B 205 24.67 -5.09 11.94
CA LEU B 205 24.66 -4.83 10.47
C LEU B 205 24.87 -3.32 10.20
N MET B 206 24.25 -2.42 10.98
CA MET B 206 24.44 -0.96 10.74
C MET B 206 25.86 -0.55 11.19
N TYR B 207 26.41 -1.21 12.19
CA TYR B 207 27.82 -1.06 12.63
C TYR B 207 28.74 -1.38 11.44
N PHE B 208 28.52 -2.50 10.74
CA PHE B 208 29.30 -2.87 9.54
C PHE B 208 29.15 -1.81 8.46
N ASN B 209 27.95 -1.27 8.31
CA ASN B 209 27.64 -0.26 7.26
C ASN B 209 28.34 1.07 7.58
N LEU B 210 28.38 1.45 8.86
CA LEU B 210 28.83 2.81 9.30
C LEU B 210 30.31 2.83 9.69
N GLY B 211 30.85 1.72 10.21
CA GLY B 211 32.21 1.72 10.80
C GLY B 211 32.18 1.96 12.29
N SER B 212 31.04 2.39 12.80
CA SER B 212 30.80 2.65 14.25
C SER B 212 29.33 2.96 14.43
N LEU B 213 28.85 2.91 15.64
CA LEU B 213 27.45 3.31 15.96
C LEU B 213 27.51 4.63 16.71
N PRO B 214 26.45 5.45 16.62
CA PRO B 214 26.48 6.81 17.16
C PRO B 214 26.59 6.84 18.68
N TRP B 215 26.38 5.70 19.36
CA TRP B 215 26.46 5.61 20.85
C TRP B 215 27.77 4.96 21.28
N GLN B 216 28.69 4.82 20.34
CA GLN B 216 30.08 4.35 20.61
C GLN B 216 30.91 5.53 21.10
N GLY B 217 31.89 5.24 21.96
CA GLY B 217 32.90 6.20 22.44
C GLY B 217 32.27 7.41 23.08
N LEU B 218 31.23 7.21 23.89
CA LEU B 218 30.63 8.31 24.71
C LEU B 218 31.44 8.42 26.02
N LYS B 219 31.64 9.64 26.50
CA LYS B 219 32.44 9.93 27.71
C LYS B 219 31.61 9.60 28.96
N ALA B 220 32.14 8.77 29.86
CA ALA B 220 31.55 8.50 31.20
C ALA B 220 32.64 8.07 32.18
N ALA B 221 32.52 8.48 33.45
CA ALA B 221 33.48 8.17 34.55
C ALA B 221 33.31 6.71 34.97
N LYS B 223 30.78 2.95 35.20
CA LYS B 223 30.27 2.02 34.20
C LYS B 223 28.74 2.15 34.02
N ARG B 224 27.99 2.29 35.12
CA ARG B 224 26.50 2.39 35.07
C ARG B 224 26.12 3.68 34.32
N GLN B 225 26.89 4.76 34.53
CA GLN B 225 26.74 6.06 33.83
C GLN B 225 27.07 5.87 32.34
N LYS B 226 28.08 5.06 32.00
CA LYS B 226 28.42 4.74 30.59
C LYS B 226 27.23 4.04 29.93
N TYR B 227 26.61 3.07 30.61
CA TYR B 227 25.47 2.29 30.07
C TYR B 227 24.25 3.19 29.95
N GLU B 228 24.04 4.10 30.90
CA GLU B 228 22.92 5.08 30.86
C GLU B 228 23.12 6.03 29.67
N ARG B 229 24.34 6.48 29.41
CA ARG B 229 24.65 7.39 28.27
C ARG B 229 24.41 6.64 26.94
N ILE B 230 24.79 5.38 26.86
CA ILE B 230 24.58 4.54 25.65
C ILE B 230 23.06 4.36 25.48
N SER B 231 22.36 4.07 26.56
CA SER B 231 20.89 3.88 26.58
C SER B 231 20.21 5.15 26.07
N GLU B 232 20.63 6.32 26.55
CA GLU B 232 19.98 7.62 26.23
C GLU B 232 20.21 7.93 24.76
N LYS B 233 21.44 7.72 24.27
CA LYS B 233 21.79 7.99 22.83
C LYS B 233 20.98 7.05 21.93
N LYS B 234 20.93 5.77 22.28
CA LYS B 234 20.17 4.73 21.53
C LYS B 234 18.71 5.13 21.44
N MET B 235 18.10 5.53 22.55
CA MET B 235 16.66 5.79 22.63
C MET B 235 16.33 7.16 22.01
N SER B 236 17.32 8.00 21.77
CA SER B 236 17.10 9.34 21.18
C SER B 236 17.63 9.36 19.73
N THR B 237 18.04 8.22 19.19
CA THR B 237 18.41 8.09 17.76
C THR B 237 17.33 7.31 17.05
N PRO B 238 16.42 7.99 16.31
CA PRO B 238 15.41 7.31 15.52
C PRO B 238 16.10 6.35 14.52
N ILE B 239 15.45 5.26 14.21
CA ILE B 239 15.96 4.23 13.27
C ILE B 239 16.17 4.87 11.90
N GLU B 240 15.32 5.79 11.50
CA GLU B 240 15.52 6.48 10.20
C GLU B 240 16.81 7.31 10.23
N VAL B 241 17.20 7.84 11.37
CA VAL B 241 18.45 8.65 11.49
C VAL B 241 19.67 7.69 11.53
N LEU B 242 19.61 6.65 12.33
CA LEU B 242 20.64 5.59 12.41
C LEU B 242 20.96 5.09 11.02
N CYS B 243 19.92 4.79 10.23
CA CYS B 243 20.06 4.10 8.93
C CYS B 243 20.11 5.05 7.75
N LYS B 244 20.16 6.36 7.97
CA LYS B 244 20.17 7.34 6.86
C LYS B 244 21.33 7.05 5.89
N GLY B 245 21.07 7.09 4.58
CA GLY B 245 22.09 6.89 3.54
C GLY B 245 22.34 5.40 3.23
N TYR B 246 21.64 4.48 3.90
CA TYR B 246 21.76 3.02 3.67
C TYR B 246 20.42 2.50 3.15
N PRO B 247 20.39 1.38 2.42
CA PRO B 247 19.11 0.84 1.96
C PRO B 247 18.08 0.72 3.08
N SER B 248 16.83 1.04 2.75
CA SER B 248 15.66 1.08 3.68
C SER B 248 15.54 -0.25 4.44
N GLU B 249 16.05 -1.34 3.89
CA GLU B 249 15.86 -2.69 4.51
C GLU B 249 16.46 -2.71 5.90
N PHE B 250 17.57 -2.00 6.15
CA PHE B 250 18.21 -2.02 7.47
C PHE B 250 17.27 -1.41 8.49
N ALA B 251 16.59 -0.32 8.12
CA ALA B 251 15.60 0.37 8.98
C ALA B 251 14.34 -0.54 9.17
N THR B 252 13.83 -1.11 8.08
CA THR B 252 12.66 -2.03 8.12
C THR B 252 12.98 -3.17 9.09
N TYR B 253 14.14 -3.82 8.93
CA TYR B 253 14.61 -4.88 9.85
C TYR B 253 14.55 -4.40 11.31
N LEU B 254 15.13 -3.24 11.61
CA LEU B 254 15.21 -2.80 13.03
C LEU B 254 13.80 -2.43 13.54
N ASN B 255 12.97 -1.82 12.71
CA ASN B 255 11.57 -1.45 13.08
C ASN B 255 10.79 -2.74 13.38
N PHE B 256 11.01 -3.77 12.58
CA PHE B 256 10.36 -5.08 12.79
C PHE B 256 10.80 -5.64 14.13
N CYS B 257 12.09 -5.65 14.43
CA CYS B 257 12.58 -6.20 15.71
C CYS B 257 12.00 -5.40 16.88
N ARG B 258 11.96 -4.08 16.77
CA ARG B 258 11.50 -3.21 17.88
C ARG B 258 9.98 -3.43 18.12
N SER B 259 9.26 -3.88 17.12
CA SER B 259 7.81 -4.13 17.20
C SER B 259 7.49 -5.49 17.81
N LEU B 260 8.45 -6.41 17.93
CA LEU B 260 8.14 -7.78 18.37
C LEU B 260 7.69 -7.76 19.82
N ARG B 261 6.75 -8.63 20.15
CA ARG B 261 6.35 -8.84 21.54
C ARG B 261 7.36 -9.76 22.22
N PHE B 262 7.43 -9.67 23.54
CA PHE B 262 8.36 -10.45 24.38
C PHE B 262 8.37 -11.91 23.90
N ASP B 263 7.21 -12.54 23.76
CA ASP B 263 7.17 -14.01 23.49
C ASP B 263 6.90 -14.31 21.99
N ASP B 264 6.93 -13.32 21.12
CA ASP B 264 6.70 -13.55 19.67
C ASP B 264 7.82 -14.44 19.12
N LYS B 265 7.45 -15.40 18.29
CA LYS B 265 8.34 -16.08 17.34
C LYS B 265 8.64 -15.13 16.19
N PRO B 266 9.89 -14.70 16.03
CA PRO B 266 10.22 -13.79 14.94
C PRO B 266 9.94 -14.43 13.60
N ASP B 267 9.54 -13.64 12.62
CA ASP B 267 9.44 -14.11 11.23
C ASP B 267 10.85 -14.01 10.61
N TYR B 268 11.70 -15.00 10.93
CA TYR B 268 13.09 -15.10 10.41
C TYR B 268 13.09 -15.07 8.87
N SER B 269 12.14 -15.76 8.27
CA SER B 269 12.03 -15.92 6.80
C SER B 269 11.76 -14.56 6.15
N TYR B 270 10.86 -13.80 6.75
CA TYR B 270 10.57 -12.42 6.27
C TYR B 270 11.87 -11.59 6.33
N LEU B 271 12.61 -11.65 7.42
CA LEU B 271 13.83 -10.81 7.61
C LEU B 271 14.89 -11.19 6.59
N ARG B 272 15.12 -12.47 6.36
CA ARG B 272 16.08 -12.95 5.34
C ARG B 272 15.57 -12.50 3.95
N GLN B 273 14.25 -12.60 3.70
CA GLN B 273 13.68 -12.29 2.37
C GLN B 273 13.82 -10.79 2.11
N LEU B 274 13.73 -9.98 3.16
CA LEU B 274 13.94 -8.53 3.07
C LEU B 274 15.33 -8.25 2.45
N PHE B 275 16.36 -8.86 3.01
CA PHE B 275 17.75 -8.64 2.56
C PHE B 275 17.99 -9.32 1.22
N ARG B 276 17.40 -10.49 0.98
CA ARG B 276 17.54 -11.25 -0.27
C ARG B 276 16.98 -10.42 -1.43
N ASN B 277 15.84 -9.75 -1.23
CA ASN B 277 15.21 -8.97 -2.31
C ASN B 277 16.14 -7.79 -2.63
N LEU B 278 16.70 -7.17 -1.62
CA LEU B 278 17.65 -6.04 -1.83
C LEU B 278 18.88 -6.57 -2.58
N PHE B 279 19.40 -7.70 -2.13
CA PHE B 279 20.57 -8.36 -2.73
C PHE B 279 20.34 -8.57 -4.23
N HIS B 280 19.19 -9.12 -4.60
CA HIS B 280 18.76 -9.34 -6.01
C HIS B 280 18.58 -8.01 -6.74
N ARG B 281 17.98 -6.98 -6.12
CA ARG B 281 17.79 -5.64 -6.75
CA ARG B 281 17.78 -5.67 -6.78
C ARG B 281 19.17 -5.08 -7.10
N GLN B 282 20.18 -5.36 -6.27
CA GLN B 282 21.56 -4.85 -6.51
C GLN B 282 22.24 -5.68 -7.62
N GLY B 283 21.66 -6.81 -7.99
CA GLY B 283 22.27 -7.72 -8.97
C GLY B 283 23.41 -8.54 -8.41
N PHE B 284 23.49 -8.70 -7.10
CA PHE B 284 24.53 -9.54 -6.42
C PHE B 284 24.19 -11.03 -6.62
N SER B 285 25.22 -11.89 -6.60
CA SER B 285 25.08 -13.39 -6.57
C SER B 285 25.56 -13.94 -5.22
N TYR B 286 24.86 -14.95 -4.69
CA TYR B 286 25.23 -15.67 -3.45
C TYR B 286 26.41 -16.60 -3.78
N ASP B 287 27.60 -16.02 -3.99
CA ASP B 287 28.83 -16.74 -4.41
C ASP B 287 29.85 -16.70 -3.27
N TYR B 288 29.49 -16.16 -2.10
CA TYR B 288 30.34 -16.13 -0.89
C TYR B 288 31.70 -15.49 -1.19
N VAL B 289 31.76 -14.54 -2.13
CA VAL B 289 32.98 -13.73 -2.36
C VAL B 289 32.86 -12.49 -1.50
N PHE B 290 33.41 -12.54 -0.31
CA PHE B 290 33.38 -11.45 0.69
C PHE B 290 34.51 -10.46 0.41
N ASP B 291 34.42 -9.28 1.00
CA ASP B 291 35.45 -8.25 0.80
C ASP B 291 36.83 -8.83 1.13
N TRP B 292 36.95 -9.57 2.23
CA TRP B 292 38.28 -10.03 2.72
C TRP B 292 38.88 -11.04 1.76
N ASN B 293 38.06 -11.71 0.94
CA ASN B 293 38.55 -12.70 -0.05
C ASN B 293 39.39 -11.98 -1.11
N MET B 294 39.25 -10.68 -1.27
CA MET B 294 39.87 -9.92 -2.39
C MET B 294 41.11 -9.15 -1.91
N LEU B 295 41.49 -9.25 -0.63
CA LEU B 295 42.71 -8.61 -0.08
C LEU B 295 43.92 -9.29 -0.76
N LYS B 296 44.88 -8.50 -1.26
CA LYS B 296 46.11 -9.06 -1.88
C LYS B 296 47.30 -8.74 -0.97
N ARG C 6 -24.51 41.55 21.16
CA ARG C 6 -24.60 41.70 19.67
C ARG C 6 -23.22 41.51 19.05
N VAL C 7 -23.14 40.72 17.97
CA VAL C 7 -21.95 40.54 17.11
C VAL C 7 -22.43 40.51 15.64
N GLY C 8 -21.73 41.20 14.75
CA GLY C 8 -22.00 41.23 13.29
C GLY C 8 -23.49 41.33 12.98
N ASN C 9 -24.23 42.17 13.74
CA ASN C 9 -25.68 42.49 13.54
C ASN C 9 -26.61 41.35 13.96
N ARG C 10 -26.30 40.10 13.62
CA ARG C 10 -27.27 38.97 13.64
C ARG C 10 -26.91 37.95 14.72
N TYR C 11 -25.78 38.11 15.42
CA TYR C 11 -25.33 37.13 16.44
C TYR C 11 -25.46 37.74 17.82
N ARG C 12 -25.90 36.95 18.79
CA ARG C 12 -25.88 37.33 20.22
C ARG C 12 -24.86 36.47 20.95
N LEU C 13 -24.09 37.04 21.88
CA LEU C 13 -23.01 36.35 22.64
C LEU C 13 -23.54 35.89 24.01
N GLY C 14 -23.30 34.63 24.36
CA GLY C 14 -23.58 34.03 25.67
C GLY C 14 -22.28 33.64 26.36
N ARG C 15 -22.30 32.63 27.23
CA ARG C 15 -21.21 32.41 28.20
C ARG C 15 -20.12 31.51 27.60
N LYS C 16 -18.93 31.58 28.18
CA LYS C 16 -17.77 30.75 27.80
C LYS C 16 -18.13 29.27 27.97
N ILE C 17 -17.81 28.47 26.96
CA ILE C 17 -18.04 27.01 26.96
C ILE C 17 -16.69 26.30 26.76
N GLY C 18 -15.59 27.05 26.53
CA GLY C 18 -14.32 26.40 26.18
C GLY C 18 -13.16 27.36 26.13
N SER C 19 -11.96 26.82 26.31
CA SER C 19 -10.67 27.51 26.08
C SER C 19 -9.92 26.82 24.93
N GLY C 20 -9.90 27.48 23.76
CA GLY C 20 -9.30 26.96 22.53
C GLY C 20 -7.81 27.25 22.49
N SER C 21 -7.10 26.75 21.49
CA SER C 21 -5.78 27.33 21.11
C SER C 21 -6.01 28.81 20.73
N PHE C 22 -5.46 29.72 21.52
CA PHE C 22 -5.31 31.17 21.23
C PHE C 22 -6.68 31.88 21.26
N GLY C 23 -7.65 31.38 22.01
CA GLY C 23 -8.85 32.17 22.30
C GLY C 23 -10.01 31.34 22.78
N ASP C 24 -11.00 32.01 23.34
CA ASP C 24 -12.08 31.35 24.10
C ASP C 24 -13.30 31.18 23.18
N ILE C 25 -14.04 30.11 23.43
CA ILE C 25 -15.28 29.73 22.69
C ILE C 25 -16.47 30.09 23.57
N TYR C 26 -17.49 30.74 22.98
CA TYR C 26 -18.72 31.21 23.68
C TYR C 26 -19.95 30.65 22.97
N LEU C 27 -20.97 30.31 23.76
CA LEU C 27 -22.33 30.04 23.25
C LEU C 27 -22.80 31.30 22.52
N GLY C 28 -23.58 31.12 21.46
CA GLY C 28 -24.19 32.25 20.72
C GLY C 28 -25.50 31.84 20.08
N THR C 29 -26.24 32.79 19.54
CA THR C 29 -27.42 32.51 18.71
C THR C 29 -27.28 33.29 17.44
N ASP C 30 -27.53 32.63 16.31
CA ASP C 30 -27.82 33.27 15.02
C ASP C 30 -29.30 33.70 15.02
N ILE C 31 -29.53 34.96 15.34
CA ILE C 31 -30.88 35.55 15.54
C ILE C 31 -31.64 35.41 14.22
N ALA C 32 -30.96 35.62 13.10
CA ALA C 32 -31.59 35.62 11.77
C ALA C 32 -32.07 34.23 11.42
N ALA C 33 -31.28 33.19 11.74
CA ALA C 33 -31.53 31.80 11.29
C ALA C 33 -32.33 31.02 12.35
N GLY C 34 -32.37 31.50 13.60
CA GLY C 34 -32.96 30.76 14.73
C GLY C 34 -32.15 29.49 15.05
N GLU C 35 -30.83 29.62 15.13
CA GLU C 35 -29.92 28.48 15.39
C GLU C 35 -28.88 28.89 16.41
N GLU C 36 -28.52 27.98 17.31
CA GLU C 36 -27.41 28.19 18.25
C GLU C 36 -26.13 28.06 17.46
N VAL C 37 -25.10 28.78 17.88
CA VAL C 37 -23.75 28.78 17.24
C VAL C 37 -22.71 28.81 18.34
N ALA C 38 -21.48 28.57 17.95
CA ALA C 38 -20.30 28.73 18.79
C ALA C 38 -19.53 29.90 18.26
N ILE C 39 -19.12 30.79 19.12
CA ILE C 39 -18.40 32.02 18.72
C ILE C 39 -17.02 32.01 19.37
N LYS C 40 -15.99 32.06 18.54
CA LYS C 40 -14.60 32.17 19.03
C LYS C 40 -14.21 33.65 18.92
N LEU C 41 -13.59 34.17 19.97
CA LEU C 41 -13.14 35.57 20.08
C LEU C 41 -11.64 35.57 20.27
N GLU C 42 -10.98 36.53 19.63
CA GLU C 42 -9.53 36.85 19.82
C GLU C 42 -9.43 38.38 19.95
N CYS C 43 -8.78 38.89 21.01
CA CYS C 43 -8.47 40.33 21.18
C CYS C 43 -7.83 40.87 19.89
N VAL C 44 -8.43 41.88 19.27
CA VAL C 44 -7.90 42.49 18.01
C VAL C 44 -6.43 42.83 18.19
N LYS C 45 -6.05 43.38 19.35
CA LYS C 45 -4.70 43.95 19.61
C LYS C 45 -3.78 42.91 20.24
N THR C 46 -4.16 41.64 20.20
CA THR C 46 -3.27 40.52 20.59
C THR C 46 -1.95 40.69 19.83
N LYS C 47 -0.83 40.34 20.47
CA LYS C 47 0.53 40.51 19.91
C LYS C 47 0.70 39.56 18.72
N HIS C 48 0.03 38.42 18.74
CA HIS C 48 0.19 37.33 17.74
C HIS C 48 -1.20 36.93 17.19
N PRO C 49 -1.79 37.73 16.27
CA PRO C 49 -3.13 37.45 15.76
C PRO C 49 -3.11 36.18 14.90
N GLN C 50 -4.09 35.32 15.10
CA GLN C 50 -4.16 34.00 14.40
C GLN C 50 -5.60 33.63 14.01
N LEU C 51 -6.63 34.30 14.53
CA LEU C 51 -8.01 33.75 14.38
C LEU C 51 -8.36 33.76 12.89
N HIS C 52 -8.06 34.87 12.21
CA HIS C 52 -8.31 35.01 10.75
C HIS C 52 -7.53 33.88 10.03
N ILE C 53 -6.38 33.51 10.54
CA ILE C 53 -5.56 32.40 9.96
C ILE C 53 -6.28 31.08 10.18
N GLU C 54 -6.65 30.74 11.41
CA GLU C 54 -7.47 29.50 11.71
C GLU C 54 -8.74 29.45 10.81
N SER C 55 -9.45 30.57 10.64
CA SER C 55 -10.70 30.61 9.83
C SER C 55 -10.38 30.21 8.36
N LYS C 56 -9.25 30.65 7.83
CA LYS C 56 -8.78 30.32 6.45
C LYS C 56 -8.57 28.81 6.36
N ILE C 57 -8.05 28.19 7.41
CA ILE C 57 -7.81 26.72 7.38
C ILE C 57 -9.18 26.01 7.39
N TYR C 58 -10.10 26.45 8.23
CA TYR C 58 -11.46 25.87 8.27
C TYR C 58 -12.10 25.95 6.86
N LYS C 59 -11.89 27.07 6.16
CA LYS C 59 -12.53 27.36 4.85
C LYS C 59 -11.99 26.37 3.82
N MET C 60 -10.67 26.18 3.79
CA MET C 60 -9.96 25.17 2.96
C MET C 60 -10.51 23.76 3.29
N MET C 61 -10.83 23.48 4.56
CA MET C 61 -11.30 22.12 5.01
C MET C 61 -12.79 21.93 4.70
N GLN C 62 -13.52 22.98 4.34
CA GLN C 62 -15.00 22.99 4.27
C GLN C 62 -15.49 21.87 3.35
N GLY C 63 -16.62 21.27 3.68
CA GLY C 63 -17.24 20.18 2.91
C GLY C 63 -16.79 18.83 3.44
N GLY C 64 -15.60 18.76 4.06
CA GLY C 64 -15.08 17.57 4.73
C GLY C 64 -16.07 17.05 5.76
N VAL C 65 -16.21 15.75 5.81
CA VAL C 65 -17.06 15.11 6.85
C VAL C 65 -16.49 15.48 8.23
N GLY C 66 -17.33 15.90 9.16
CA GLY C 66 -16.95 16.19 10.57
C GLY C 66 -16.00 17.39 10.65
N ILE C 67 -16.08 18.29 9.68
CA ILE C 67 -15.40 19.61 9.76
C ILE C 67 -16.47 20.65 10.05
N PRO C 68 -16.40 21.39 11.16
CA PRO C 68 -17.41 22.39 11.47
C PRO C 68 -17.46 23.45 10.37
N THR C 69 -18.66 23.84 9.98
CA THR C 69 -18.97 24.99 9.10
C THR C 69 -18.69 26.32 9.82
N ILE C 70 -17.96 27.20 9.18
CA ILE C 70 -17.73 28.58 9.65
C ILE C 70 -18.84 29.44 9.02
N ARG C 71 -19.61 30.11 9.84
CA ARG C 71 -20.74 30.94 9.34
C ARG C 71 -20.28 32.37 9.05
N TRP C 72 -19.34 32.90 9.84
CA TRP C 72 -18.93 34.32 9.73
C TRP C 72 -17.62 34.56 10.45
N CYS C 73 -16.73 35.33 9.82
CA CYS C 73 -15.48 35.86 10.41
CA CYS C 73 -15.47 35.86 10.43
C CYS C 73 -15.47 37.37 10.18
N GLY C 74 -15.20 38.15 11.23
CA GLY C 74 -15.14 39.61 11.13
C GLY C 74 -14.57 40.17 12.39
N ALA C 75 -14.57 41.48 12.51
CA ALA C 75 -14.18 42.18 13.73
C ALA C 75 -15.44 42.79 14.34
N GLU C 76 -15.46 42.91 15.66
CA GLU C 76 -16.55 43.57 16.42
C GLU C 76 -15.92 44.09 17.71
N GLY C 77 -16.01 45.38 17.98
CA GLY C 77 -15.50 45.96 19.23
C GLY C 77 -14.02 45.66 19.41
N ASP C 78 -13.67 45.03 20.52
CA ASP C 78 -12.28 44.68 20.91
C ASP C 78 -11.90 43.28 20.37
N TYR C 79 -12.67 42.71 19.44
CA TYR C 79 -12.57 41.26 19.11
C TYR C 79 -12.55 41.04 17.63
N ASN C 80 -11.68 40.13 17.21
CA ASN C 80 -11.87 39.28 16.02
C ASN C 80 -12.81 38.13 16.42
N VAL C 81 -13.67 37.76 15.50
CA VAL C 81 -14.85 36.89 15.75
C VAL C 81 -14.85 35.81 14.70
N MET C 82 -15.05 34.57 15.14
CA MET C 82 -15.29 33.45 14.20
C MET C 82 -16.51 32.72 14.71
N VAL C 83 -17.56 32.71 13.93
CA VAL C 83 -18.83 32.05 14.27
C VAL C 83 -18.84 30.71 13.56
N MET C 84 -19.15 29.65 14.29
CA MET C 84 -19.24 28.32 13.68
CA MET C 84 -19.22 28.30 13.69
C MET C 84 -20.46 27.57 14.19
N GLU C 85 -20.81 26.52 13.48
CA GLU C 85 -21.90 25.67 13.92
C GLU C 85 -21.61 25.26 15.36
N LEU C 86 -22.67 25.11 16.15
CA LEU C 86 -22.59 24.60 17.51
C LEU C 86 -22.47 23.09 17.45
N LEU C 87 -21.44 22.53 18.04
CA LEU C 87 -21.29 21.05 18.10
C LEU C 87 -21.66 20.60 19.50
N GLY C 88 -21.62 19.31 19.71
CA GLY C 88 -21.95 18.69 20.99
C GLY C 88 -20.72 18.56 21.86
N PRO C 89 -20.82 17.69 22.88
CA PRO C 89 -19.78 17.56 23.87
C PRO C 89 -18.51 16.97 23.22
N SER C 90 -17.36 17.30 23.76
CA SER C 90 -16.05 16.70 23.39
C SER C 90 -16.00 15.22 23.84
N LEU C 91 -15.10 14.45 23.29
CA LEU C 91 -14.92 13.04 23.72
C LEU C 91 -14.41 13.02 25.15
N GLU C 92 -13.66 14.03 25.60
CA GLU C 92 -13.27 14.15 27.05
C GLU C 92 -14.53 14.27 27.88
N ASP C 93 -15.41 15.20 27.50
CA ASP C 93 -16.69 15.41 28.22
C ASP C 93 -17.46 14.08 28.25
N LEU C 94 -17.59 13.41 27.13
CA LEU C 94 -18.42 12.20 27.07
C LEU C 94 -17.71 11.07 27.85
N PHE C 95 -16.39 11.04 27.84
CA PHE C 95 -15.62 10.05 28.63
C PHE C 95 -15.93 10.25 30.13
N ASN C 96 -15.87 11.49 30.62
CA ASN C 96 -16.21 11.85 32.02
C ASN C 96 -17.67 11.50 32.30
N PHE C 97 -18.57 11.83 31.39
CA PHE C 97 -20.02 11.54 31.57
C PHE C 97 -20.23 10.04 31.70
N CYS C 98 -19.40 9.24 31.00
CA CYS C 98 -19.51 7.77 30.99
C CYS C 98 -18.63 7.17 32.09
N SER C 99 -18.27 7.95 33.11
CA SER C 99 -17.45 7.49 34.25
C SER C 99 -16.10 6.94 33.76
N ARG C 100 -15.52 7.54 32.72
CA ARG C 100 -14.14 7.27 32.25
C ARG C 100 -13.98 5.78 31.90
N LYS C 101 -15.02 5.19 31.32
CA LYS C 101 -15.06 3.81 30.84
C LYS C 101 -15.87 3.77 29.54
N PHE C 102 -15.23 3.44 28.44
CA PHE C 102 -15.90 3.18 27.15
C PHE C 102 -15.85 1.68 26.84
N SER C 103 -16.94 1.13 26.31
CA SER C 103 -16.99 -0.22 25.73
C SER C 103 -16.02 -0.30 24.55
N LEU C 104 -15.51 -1.49 24.27
CA LEU C 104 -14.61 -1.70 23.12
C LEU C 104 -15.32 -1.22 21.86
N LYS C 105 -16.61 -1.51 21.75
CA LYS C 105 -17.41 -1.10 20.56
C LYS C 105 -17.29 0.41 20.35
N THR C 106 -17.53 1.20 21.39
CA THR C 106 -17.48 2.67 21.31
C THR C 106 -16.04 3.12 20.92
N VAL C 107 -15.02 2.50 21.48
CA VAL C 107 -13.60 2.86 21.16
C VAL C 107 -13.37 2.61 19.67
N LEU C 108 -13.94 1.53 19.12
CA LEU C 108 -13.70 1.16 17.72
C LEU C 108 -14.50 2.08 16.78
N LEU C 109 -15.75 2.38 17.14
CA LEU C 109 -16.57 3.35 16.39
C LEU C 109 -15.82 4.67 16.32
N LEU C 110 -15.24 5.10 17.43
CA LEU C 110 -14.55 6.40 17.49
C LEU C 110 -13.26 6.32 16.67
N ALA C 111 -12.50 5.22 16.80
CA ALA C 111 -11.22 5.04 16.10
C ALA C 111 -11.45 5.19 14.60
N ASP C 112 -12.47 4.56 14.09
CA ASP C 112 -12.77 4.54 12.65
C ASP C 112 -12.95 5.97 12.14
N GLN C 113 -13.74 6.79 12.82
CA GLN C 113 -13.99 8.17 12.36
C GLN C 113 -12.76 9.04 12.59
N MET C 114 -12.07 8.87 13.72
CA MET C 114 -10.93 9.73 14.09
C MET C 114 -9.80 9.53 13.09
N ILE C 115 -9.56 8.29 12.64
CA ILE C 115 -8.51 8.02 11.61
C ILE C 115 -8.91 8.72 10.30
N SER C 116 -10.17 8.64 9.92
CA SER C 116 -10.69 9.36 8.72
C SER C 116 -10.55 10.87 8.88
N ARG C 117 -10.87 11.45 10.03
CA ARG C 117 -10.78 12.92 10.19
C ARG C 117 -9.30 13.34 9.96
N ILE C 118 -8.37 12.64 10.56
CA ILE C 118 -6.92 12.99 10.43
C ILE C 118 -6.47 12.78 8.99
N GLU C 119 -6.87 11.68 8.36
CA GLU C 119 -6.55 11.46 6.93
C GLU C 119 -7.06 12.66 6.13
N TYR C 120 -8.28 13.12 6.40
CA TYR C 120 -8.90 14.20 5.62
C TYR C 120 -8.01 15.46 5.75
N ILE C 121 -7.64 15.83 6.97
CA ILE C 121 -6.78 17.01 7.21
C ILE C 121 -5.46 16.87 6.42
N HIS C 122 -4.85 15.71 6.50
CA HIS C 122 -3.59 15.39 5.79
C HIS C 122 -3.83 15.56 4.29
N SER C 123 -5.00 15.12 3.78
CA SER C 123 -5.32 15.22 2.33
C SER C 123 -5.32 16.69 1.93
N LYS C 124 -5.55 17.60 2.86
CA LYS C 124 -5.58 19.06 2.60
C LYS C 124 -4.23 19.68 2.95
N ASN C 125 -3.18 18.89 3.15
CA ASN C 125 -1.78 19.37 3.23
C ASN C 125 -1.45 19.95 4.61
N PHE C 126 -2.27 19.69 5.61
CA PHE C 126 -2.03 20.13 7.00
C PHE C 126 -1.83 18.90 7.91
N ILE C 127 -1.09 19.11 8.98
CA ILE C 127 -1.09 18.26 10.17
C ILE C 127 -1.70 19.07 11.29
N HIS C 128 -2.41 18.40 12.17
CA HIS C 128 -3.25 19.04 13.19
C HIS C 128 -2.38 19.50 14.37
N ARG C 129 -1.58 18.58 14.90
CA ARG C 129 -0.53 18.78 15.91
C ARG C 129 -1.14 18.94 17.29
N ASP C 130 -2.41 18.67 17.48
CA ASP C 130 -3.01 18.72 18.84
C ASP C 130 -4.14 17.70 18.93
N VAL C 131 -3.81 16.48 18.56
CA VAL C 131 -4.80 15.37 18.57
C VAL C 131 -4.99 14.95 20.03
N LYS C 132 -6.18 15.22 20.57
CA LYS C 132 -6.53 14.96 21.97
C LYS C 132 -8.04 14.93 22.10
N PRO C 133 -8.58 14.27 23.14
CA PRO C 133 -10.02 14.09 23.25
C PRO C 133 -10.82 15.40 23.27
N ASP C 134 -10.22 16.50 23.75
CA ASP C 134 -10.89 17.82 23.82
C ASP C 134 -11.13 18.37 22.41
N ASN C 135 -10.43 17.84 21.41
CA ASN C 135 -10.45 18.41 20.06
C ASN C 135 -11.33 17.58 19.14
N PHE C 136 -12.01 16.58 19.67
CA PHE C 136 -13.02 15.80 18.95
C PHE C 136 -14.34 15.97 19.67
N LEU C 137 -15.33 16.43 18.93
CA LEU C 137 -16.67 16.76 19.47
C LEU C 137 -17.66 15.96 18.66
N MET C 138 -18.69 15.40 19.29
CA MET C 138 -19.80 14.78 18.54
C MET C 138 -20.67 15.94 18.02
N GLY C 139 -21.31 15.78 16.86
CA GLY C 139 -22.31 16.71 16.37
C GLY C 139 -23.54 16.69 17.27
N LEU C 140 -24.48 17.55 16.97
CA LEU C 140 -25.83 17.60 17.60
C LEU C 140 -26.85 17.20 16.54
N GLY C 141 -27.98 16.70 17.00
CA GLY C 141 -29.17 16.47 16.17
C GLY C 141 -28.91 15.42 15.13
N LYS C 142 -29.13 15.74 13.86
CA LYS C 142 -28.94 14.79 12.74
C LYS C 142 -27.43 14.45 12.59
N LYS C 143 -26.52 15.28 13.10
CA LYS C 143 -25.04 15.06 13.02
C LYS C 143 -24.52 14.39 14.29
N GLY C 144 -25.42 13.91 15.15
CA GLY C 144 -25.08 13.39 16.48
C GLY C 144 -24.16 12.17 16.44
N ASN C 145 -24.17 11.43 15.34
CA ASN C 145 -23.35 10.19 15.20
C ASN C 145 -21.97 10.53 14.64
N LEU C 146 -21.70 11.80 14.32
CA LEU C 146 -20.45 12.22 13.63
C LEU C 146 -19.46 12.76 14.65
N VAL C 147 -18.22 12.29 14.58
CA VAL C 147 -17.09 12.85 15.32
C VAL C 147 -16.56 14.00 14.47
N TYR C 148 -16.51 15.20 15.03
CA TYR C 148 -15.91 16.41 14.44
C TYR C 148 -14.55 16.60 15.02
N ILE C 149 -13.64 17.16 14.23
CA ILE C 149 -12.33 17.63 14.73
C ILE C 149 -12.36 19.16 14.73
N ILE C 150 -11.84 19.74 15.77
CA ILE C 150 -11.81 21.22 15.93
C ILE C 150 -10.38 21.68 16.22
N ASP C 151 -10.22 23.01 16.17
CA ASP C 151 -9.05 23.75 16.68
C ASP C 151 -7.88 23.49 15.75
N PHE C 152 -7.74 24.35 14.75
CA PHE C 152 -6.61 24.35 13.82
C PHE C 152 -5.62 25.44 14.24
N GLY C 153 -5.64 25.87 15.50
CA GLY C 153 -4.73 26.91 15.99
C GLY C 153 -3.27 26.48 15.94
N LEU C 154 -2.98 25.21 16.10
CA LEU C 154 -1.59 24.70 16.09
C LEU C 154 -1.28 24.04 14.77
N ALA C 155 -2.22 23.96 13.88
CA ALA C 155 -2.05 23.22 12.61
C ALA C 155 -0.99 23.94 11.79
N LYS C 156 -0.38 23.20 10.89
CA LYS C 156 0.69 23.70 10.02
C LYS C 156 0.63 22.88 8.72
N LYS C 157 0.92 23.53 7.61
CA LYS C 157 1.19 22.93 6.29
C LYS C 157 2.38 21.96 6.43
N TYR C 158 2.26 20.73 5.94
CA TYR C 158 3.41 19.77 5.89
C TYR C 158 3.89 19.58 4.45
N ARG C 159 3.13 19.95 3.38
CA ARG C 159 3.60 19.85 1.95
CA ARG C 159 3.62 19.88 1.96
C ARG C 159 3.01 21.02 1.12
N HIS C 166 7.18 17.82 0.78
CA HIS C 166 7.10 17.65 2.26
C HIS C 166 8.02 18.70 2.91
N ILE C 167 7.62 19.28 4.05
CA ILE C 167 8.52 20.14 4.88
C ILE C 167 9.78 19.34 5.17
N PRO C 168 10.93 20.03 5.35
CA PRO C 168 12.18 19.35 5.65
C PRO C 168 12.15 18.75 7.07
N TYR C 169 12.88 17.65 7.28
CA TYR C 169 13.27 17.16 8.62
C TYR C 169 13.90 18.30 9.42
N ARG C 170 13.48 18.45 10.66
CA ARG C 170 13.92 19.53 11.54
C ARG C 170 13.83 18.98 12.97
N GLU C 171 14.63 19.55 13.86
CA GLU C 171 14.81 19.19 15.28
C GLU C 171 14.66 20.48 16.09
N ASN C 172 14.96 20.40 17.41
CA ASN C 172 14.97 21.54 18.37
C ASN C 172 13.60 22.25 18.34
N LYS C 173 12.51 21.47 18.25
CA LYS C 173 11.12 21.97 18.32
C LYS C 173 10.61 21.82 19.77
N ASN C 174 10.13 22.90 20.40
CA ASN C 174 9.51 22.86 21.75
C ASN C 174 8.12 22.22 21.65
N LEU C 175 7.63 21.65 22.76
CA LEU C 175 6.31 20.98 22.82
C LEU C 175 5.20 22.05 22.90
N THR C 176 4.42 22.19 21.82
CA THR C 176 3.35 23.20 21.63
C THR C 176 1.97 22.67 22.09
N GLY C 177 1.65 21.39 21.80
CA GLY C 177 0.39 20.73 22.15
C GLY C 177 0.44 20.10 23.53
N THR C 178 -0.39 19.06 23.77
CA THR C 178 -0.60 18.41 25.08
C THR C 178 0.37 17.25 25.24
N ALA C 179 1.22 17.32 26.25
CA ALA C 179 2.31 16.36 26.49
C ALA C 179 1.73 14.93 26.58
N ARG C 180 0.54 14.79 27.18
CA ARG C 180 -0.02 13.44 27.48
C ARG C 180 -0.12 12.62 26.19
N TYR C 181 -0.44 13.23 25.07
CA TYR C 181 -0.74 12.54 23.80
C TYR C 181 0.37 12.74 22.78
N ALA C 182 1.43 13.44 23.14
CA ALA C 182 2.53 13.74 22.18
C ALA C 182 3.26 12.45 21.79
N SER C 183 3.63 12.37 20.51
CA SER C 183 4.47 11.30 19.94
C SER C 183 5.83 11.29 20.64
N ILE C 184 6.48 10.14 20.67
CA ILE C 184 7.87 10.08 21.17
C ILE C 184 8.73 11.01 20.32
N ASN C 185 8.48 11.07 19.01
CA ASN C 185 9.28 11.93 18.11
C ASN C 185 9.13 13.41 18.52
N THR C 186 7.94 13.83 18.95
CA THR C 186 7.71 15.21 19.46
C THR C 186 8.51 15.42 20.75
N HIS C 187 8.53 14.45 21.64
CA HIS C 187 9.33 14.51 22.89
C HIS C 187 10.81 14.65 22.55
N LEU C 188 11.26 14.06 21.44
CA LEU C 188 12.66 14.15 20.99
C LEU C 188 12.94 15.48 20.29
N GLY C 189 11.92 16.33 20.08
CA GLY C 189 12.08 17.68 19.49
C GLY C 189 12.06 17.63 17.99
N ILE C 190 11.58 16.53 17.40
CA ILE C 190 11.49 16.40 15.92
C ILE C 190 10.22 17.09 15.44
N GLU C 191 10.34 17.84 14.36
CA GLU C 191 9.23 18.44 13.60
C GLU C 191 8.12 17.39 13.44
N GLN C 192 6.89 17.76 13.76
CA GLN C 192 5.73 16.85 13.63
C GLN C 192 5.44 16.66 12.16
N SER C 193 5.01 15.47 11.80
CA SER C 193 4.53 15.16 10.46
C SER C 193 3.27 14.29 10.60
N ARG C 194 2.85 13.67 9.53
CA ARG C 194 1.55 12.95 9.48
C ARG C 194 1.55 11.82 10.48
N ARG C 195 2.69 11.14 10.65
CA ARG C 195 2.80 10.02 11.60
C ARG C 195 2.42 10.47 13.03
N ASP C 196 2.80 11.68 13.42
CA ASP C 196 2.66 12.16 14.80
C ASP C 196 1.19 12.37 15.16
N ASP C 197 0.37 12.88 14.23
CA ASP C 197 -1.09 12.95 14.45
C ASP C 197 -1.63 11.54 14.75
N LEU C 198 -1.22 10.55 13.98
CA LEU C 198 -1.74 9.18 14.12
C LEU C 198 -1.19 8.52 15.40
N GLU C 199 0.06 8.74 15.76
CA GLU C 199 0.60 8.15 17.04
C GLU C 199 -0.20 8.74 18.21
N SER C 200 -0.45 10.05 18.20
CA SER C 200 -1.26 10.73 19.24
C SER C 200 -2.65 10.08 19.33
N LEU C 201 -3.28 9.77 18.22
CA LEU C 201 -4.58 9.14 18.22
C LEU C 201 -4.46 7.79 18.93
N GLY C 202 -3.37 7.08 18.68
CA GLY C 202 -3.14 5.77 19.31
C GLY C 202 -3.11 5.87 20.82
N TYR C 203 -2.49 6.93 21.36
CA TYR C 203 -2.49 7.16 22.83
C TYR C 203 -3.89 7.53 23.28
N VAL C 204 -4.63 8.30 22.48
CA VAL C 204 -6.02 8.69 22.84
C VAL C 204 -6.85 7.39 22.96
N LEU C 205 -6.72 6.47 22.01
CA LEU C 205 -7.51 5.21 22.03
C LEU C 205 -7.14 4.37 23.27
N MET C 206 -5.89 4.27 23.63
CA MET C 206 -5.50 3.47 24.84
C MET C 206 -5.91 4.23 26.11
N TYR C 207 -5.91 5.55 26.07
CA TYR C 207 -6.47 6.40 27.14
C TYR C 207 -7.96 6.04 27.35
N PHE C 208 -8.75 5.96 26.29
CA PHE C 208 -10.18 5.55 26.36
C PHE C 208 -10.29 4.14 26.90
N ASN C 209 -9.37 3.26 26.55
CA ASN C 209 -9.42 1.84 27.00
C ASN C 209 -9.08 1.77 28.50
N LEU C 210 -8.11 2.57 28.98
CA LEU C 210 -7.52 2.42 30.32
C LEU C 210 -8.21 3.34 31.35
N GLY C 211 -8.74 4.50 30.93
CA GLY C 211 -9.18 5.54 31.88
C GLY C 211 -8.07 6.54 32.16
N SER C 212 -6.83 6.21 31.82
CA SER C 212 -5.65 7.06 32.05
C SER C 212 -4.44 6.42 31.40
N LEU C 213 -3.37 7.17 31.19
CA LEU C 213 -2.13 6.63 30.59
C LEU C 213 -1.08 6.60 31.70
N PRO C 214 -0.12 5.67 31.63
CA PRO C 214 0.87 5.48 32.70
C PRO C 214 1.74 6.72 32.97
N TRP C 215 1.79 7.67 32.04
CA TRP C 215 2.64 8.90 32.16
C TRP C 215 1.78 10.10 32.57
N GLN C 216 0.53 9.85 32.94
CA GLN C 216 -0.38 10.84 33.57
C GLN C 216 -0.05 10.97 35.05
N GLY C 217 -0.26 12.16 35.60
CA GLY C 217 -0.19 12.44 37.05
C GLY C 217 1.16 12.06 37.61
N LEU C 218 2.25 12.36 36.91
CA LEU C 218 3.63 12.17 37.42
C LEU C 218 4.00 13.40 38.26
N LYS C 219 4.74 13.17 39.35
CA LYS C 219 5.20 14.23 40.28
C LYS C 219 6.34 15.01 39.62
N ALA C 220 6.20 16.34 39.54
CA ALA C 220 7.22 17.30 39.06
C ALA C 220 6.86 18.70 39.58
N ALA C 221 7.86 19.52 39.94
CA ALA C 221 7.66 20.88 40.48
C ALA C 221 7.23 21.82 39.36
N LYS C 223 7.37 22.83 34.86
CA LYS C 223 6.82 22.31 33.62
C LYS C 223 7.87 21.49 32.86
N ARG C 224 9.12 21.98 32.77
CA ARG C 224 10.19 21.30 31.96
C ARG C 224 10.46 19.91 32.54
N GLN C 225 10.46 19.83 33.89
CA GLN C 225 10.65 18.58 34.66
C GLN C 225 9.45 17.66 34.38
N LYS C 226 8.24 18.22 34.32
CA LYS C 226 7.00 17.45 34.01
C LYS C 226 7.14 16.83 32.61
N TYR C 227 7.60 17.60 31.61
CA TYR C 227 7.75 17.13 30.20
C TYR C 227 8.83 16.08 30.12
N GLU C 228 9.94 16.27 30.86
CA GLU C 228 11.06 15.30 30.90
C GLU C 228 10.54 13.96 31.45
N ARG C 229 9.78 14.01 32.54
CA ARG C 229 9.23 12.83 33.23
C ARG C 229 8.23 12.12 32.30
N ILE C 230 7.40 12.86 31.58
CA ILE C 230 6.40 12.26 30.65
C ILE C 230 7.17 11.59 29.52
N SER C 231 8.20 12.26 29.00
CA SER C 231 9.02 11.74 27.89
C SER C 231 9.68 10.42 28.34
N GLU C 232 10.24 10.40 29.56
CA GLU C 232 11.01 9.25 30.07
C GLU C 232 10.05 8.09 30.26
N LYS C 233 8.88 8.33 30.83
CA LYS C 233 7.88 7.27 31.12
C LYS C 233 7.38 6.68 29.79
N LYS C 234 7.06 7.54 28.82
CA LYS C 234 6.60 7.11 27.48
C LYS C 234 7.63 6.22 26.81
N MET C 235 8.89 6.62 26.86
CA MET C 235 10.00 5.90 26.18
C MET C 235 10.39 4.64 26.96
N SER C 236 10.00 4.51 28.22
CA SER C 236 10.33 3.33 29.03
C SER C 236 9.11 2.44 29.25
N THR C 237 7.99 2.73 28.59
CA THR C 237 6.77 1.90 28.60
C THR C 237 6.66 1.23 27.24
N PRO C 238 7.01 -0.07 27.14
CA PRO C 238 6.85 -0.79 25.90
C PRO C 238 5.36 -0.79 25.50
N ILE C 239 5.10 -0.78 24.21
CA ILE C 239 3.74 -0.76 23.68
C ILE C 239 2.99 -2.00 24.17
N GLU C 240 3.67 -3.13 24.26
CA GLU C 240 3.07 -4.38 24.74
C GLU C 240 2.61 -4.20 26.20
N VAL C 241 3.32 -3.40 26.99
CA VAL C 241 2.96 -3.18 28.43
C VAL C 241 1.79 -2.19 28.50
N LEU C 242 1.87 -1.08 27.77
CA LEU C 242 0.78 -0.10 27.65
C LEU C 242 -0.53 -0.82 27.30
N CYS C 243 -0.50 -1.71 26.33
CA CYS C 243 -1.70 -2.30 25.68
C CYS C 243 -2.06 -3.64 26.28
N LYS C 244 -1.40 -4.08 27.36
CA LYS C 244 -1.65 -5.41 27.91
C LYS C 244 -3.14 -5.54 28.30
N GLY C 245 -3.76 -6.65 27.96
CA GLY C 245 -5.16 -6.98 28.31
C GLY C 245 -6.16 -6.40 27.31
N TYR C 246 -5.69 -5.68 26.29
CA TYR C 246 -6.55 -5.04 25.25
C TYR C 246 -6.26 -5.70 23.93
N PRO C 247 -7.19 -5.68 22.97
CA PRO C 247 -6.97 -6.36 21.71
C PRO C 247 -5.63 -5.96 21.08
N SER C 248 -4.93 -6.91 20.45
CA SER C 248 -3.58 -6.70 19.85
C SER C 248 -3.59 -5.52 18.87
N GLU C 249 -4.76 -5.19 18.29
CA GLU C 249 -4.86 -4.12 17.26
C GLU C 249 -4.37 -2.76 17.81
N PHE C 250 -4.58 -2.47 19.07
CA PHE C 250 -4.14 -1.18 19.68
C PHE C 250 -2.62 -1.08 19.67
N ALA C 251 -1.94 -2.19 19.97
CA ALA C 251 -0.46 -2.30 19.96
C ALA C 251 0.04 -2.26 18.51
N THR C 252 -0.56 -3.05 17.64
CA THR C 252 -0.20 -3.08 16.20
C THR C 252 -0.27 -1.66 15.65
N TYR C 253 -1.39 -0.95 15.90
CA TYR C 253 -1.58 0.45 15.48
C TYR C 253 -0.40 1.30 15.95
N LEU C 254 -0.09 1.28 17.25
CA LEU C 254 0.96 2.14 17.80
C LEU C 254 2.34 1.76 17.23
N ASN C 255 2.61 0.47 17.07
CA ASN C 255 3.90 -0.02 16.49
C ASN C 255 4.01 0.45 15.05
N PHE C 256 2.90 0.44 14.32
CA PHE C 256 2.89 0.92 12.93
C PHE C 256 3.23 2.40 12.92
N CYS C 257 2.57 3.20 13.76
CA CYS C 257 2.84 4.65 13.81
C CYS C 257 4.32 4.89 14.17
N ARG C 258 4.86 4.16 15.15
CA ARG C 258 6.24 4.37 15.65
C ARG C 258 7.25 4.02 14.55
N SER C 259 6.87 3.16 13.61
CA SER C 259 7.74 2.70 12.52
C SER C 259 7.74 3.69 11.34
N LEU C 260 6.79 4.61 11.26
CA LEU C 260 6.66 5.47 10.06
C LEU C 260 7.85 6.40 9.93
N ARG C 261 8.30 6.62 8.73
CA ARG C 261 9.35 7.62 8.45
C ARG C 261 8.75 9.01 8.44
N PHE C 262 9.60 10.01 8.70
CA PHE C 262 9.21 11.42 8.78
C PHE C 262 8.24 11.74 7.62
N ASP C 263 8.59 11.44 6.37
CA ASP C 263 7.76 11.90 5.21
C ASP C 263 6.85 10.79 4.66
N ASP C 264 6.71 9.66 5.35
CA ASP C 264 5.86 8.55 4.86
C ASP C 264 4.42 9.03 4.82
N LYS C 265 3.72 8.69 3.77
CA LYS C 265 2.22 8.71 3.73
C LYS C 265 1.73 7.51 4.53
N PRO C 266 1.07 7.73 5.67
CA PRO C 266 0.54 6.62 6.46
C PRO C 266 -0.44 5.80 5.63
N ASP C 267 -0.48 4.50 5.90
CA ASP C 267 -1.52 3.62 5.31
C ASP C 267 -2.78 3.73 6.18
N TYR C 268 -3.52 4.82 6.05
CA TYR C 268 -4.80 5.05 6.80
C TYR C 268 -5.73 3.86 6.67
N SER C 269 -5.83 3.31 5.46
CA SER C 269 -6.77 2.21 5.10
CA SER C 269 -6.77 2.20 5.10
C SER C 269 -6.40 0.95 5.91
N TYR C 270 -5.13 0.65 5.98
CA TYR C 270 -4.62 -0.47 6.81
C TYR C 270 -5.03 -0.24 8.26
N LEU C 271 -4.83 0.97 8.80
CA LEU C 271 -5.11 1.25 10.23
C LEU C 271 -6.63 1.13 10.50
N ARG C 272 -7.48 1.66 9.62
CA ARG C 272 -8.96 1.52 9.77
C ARG C 272 -9.34 0.05 9.65
N GLN C 273 -8.72 -0.69 8.72
CA GLN C 273 -9.09 -2.10 8.43
C GLN C 273 -8.67 -2.96 9.62
N LEU C 274 -7.61 -2.57 10.30
CA LEU C 274 -7.18 -3.23 11.57
C LEU C 274 -8.34 -3.24 12.56
N PHE C 275 -8.90 -2.08 12.83
CA PHE C 275 -10.01 -1.93 13.83
C PHE C 275 -11.30 -2.52 13.28
N ARG C 276 -11.57 -2.35 12.00
CA ARG C 276 -12.78 -2.89 11.33
C ARG C 276 -12.80 -4.44 11.43
N ASN C 277 -11.68 -5.10 11.23
CA ASN C 277 -11.61 -6.58 11.30
C ASN C 277 -11.88 -7.00 12.73
N LEU C 278 -11.34 -6.28 13.70
CA LEU C 278 -11.60 -6.59 15.11
C LEU C 278 -13.10 -6.40 15.40
N PHE C 279 -13.65 -5.29 14.93
CA PHE C 279 -15.08 -4.94 15.11
C PHE C 279 -15.95 -6.11 14.64
N HIS C 280 -15.69 -6.59 13.42
CA HIS C 280 -16.39 -7.73 12.78
C HIS C 280 -16.14 -9.03 13.59
N ARG C 281 -14.91 -9.29 14.03
CA ARG C 281 -14.60 -10.51 14.83
CA ARG C 281 -14.60 -10.51 14.83
C ARG C 281 -15.41 -10.48 16.14
N GLN C 282 -15.63 -9.29 16.70
CA GLN C 282 -16.40 -9.13 17.97
C GLN C 282 -17.90 -9.31 17.70
N GLY C 283 -18.31 -9.29 16.43
CA GLY C 283 -19.75 -9.38 16.09
C GLY C 283 -20.48 -8.08 16.36
N PHE C 284 -19.80 -6.94 16.39
CA PHE C 284 -20.44 -5.62 16.63
C PHE C 284 -21.20 -5.15 15.39
N SER C 285 -22.27 -4.35 15.59
CA SER C 285 -23.07 -3.68 14.51
C SER C 285 -22.60 -2.24 14.37
N TYR C 286 -22.34 -1.81 13.13
CA TYR C 286 -21.94 -0.42 12.79
C TYR C 286 -23.19 0.45 12.80
N ASP C 287 -23.72 0.75 13.99
CA ASP C 287 -25.09 1.35 14.17
C ASP C 287 -24.96 2.69 14.87
N TYR C 288 -23.74 3.18 15.10
CA TYR C 288 -23.45 4.47 15.78
C TYR C 288 -24.16 4.55 17.14
N VAL C 289 -24.38 3.42 17.82
CA VAL C 289 -24.91 3.40 19.21
C VAL C 289 -23.70 3.37 20.12
N PHE C 290 -23.30 4.55 20.55
CA PHE C 290 -22.18 4.75 21.46
C PHE C 290 -22.67 4.55 22.88
N ASP C 291 -21.74 4.37 23.80
CA ASP C 291 -22.10 4.11 25.22
C ASP C 291 -23.08 5.19 25.70
N TRP C 292 -22.84 6.45 25.35
CA TRP C 292 -23.62 7.58 25.93
C TRP C 292 -25.07 7.54 25.40
N ASN C 293 -25.30 6.91 24.24
CA ASN C 293 -26.64 6.75 23.64
C ASN C 293 -27.48 5.81 24.49
N MET C 294 -26.90 5.05 25.43
CA MET C 294 -27.67 4.06 26.23
C MET C 294 -28.06 4.63 27.60
N LEU C 295 -27.63 5.84 27.95
CA LEU C 295 -27.98 6.49 29.23
C LEU C 295 -29.49 6.80 29.21
N LYS C 296 -30.23 6.42 30.25
CA LYS C 296 -31.71 6.56 30.25
C LYS C 296 -32.12 7.72 31.16
N ARG D 6 40.20 11.58 -32.06
CA ARG D 6 40.50 12.17 -30.71
C ARG D 6 39.33 13.06 -30.26
N VAL D 7 38.93 12.91 -28.99
CA VAL D 7 37.90 13.72 -28.28
C VAL D 7 38.37 13.94 -26.83
N GLY D 8 38.24 15.15 -26.29
CA GLY D 8 38.65 15.52 -24.93
C GLY D 8 40.04 14.99 -24.57
N ASN D 9 40.98 14.95 -25.55
CA ASN D 9 42.39 14.52 -25.39
C ASN D 9 42.54 12.99 -25.22
N ARG D 10 41.65 12.32 -24.46
CA ARG D 10 41.88 10.94 -23.97
C ARG D 10 40.91 9.96 -24.61
N TYR D 11 39.96 10.41 -25.43
CA TYR D 11 38.96 9.52 -26.08
C TYR D 11 39.25 9.43 -27.56
N ARG D 12 39.09 8.24 -28.13
CA ARG D 12 39.12 7.99 -29.58
C ARG D 12 37.74 7.57 -30.05
N LEU D 13 37.28 8.09 -31.19
CA LEU D 13 35.92 7.82 -31.75
C LEU D 13 36.01 6.70 -32.82
N GLY D 14 35.13 5.71 -32.73
CA GLY D 14 34.91 4.68 -33.77
C GLY D 14 33.53 4.80 -34.36
N ARG D 15 32.93 3.69 -34.77
CA ARG D 15 31.76 3.68 -35.68
C ARG D 15 30.45 3.74 -34.88
N LYS D 16 29.40 4.19 -35.55
CA LYS D 16 28.03 4.27 -35.01
C LYS D 16 27.56 2.86 -34.59
N ILE D 17 26.97 2.77 -33.40
CA ILE D 17 26.42 1.51 -32.85
C ILE D 17 24.93 1.74 -32.53
N GLY D 18 24.40 2.96 -32.73
CA GLY D 18 22.97 3.19 -32.47
C GLY D 18 22.52 4.59 -32.74
N SER D 19 21.19 4.73 -32.81
CA SER D 19 20.48 6.03 -32.96
C SER D 19 19.64 6.27 -31.69
N GLY D 20 20.09 7.21 -30.86
CA GLY D 20 19.41 7.63 -29.62
C GLY D 20 18.34 8.66 -29.89
N SER D 21 17.64 9.10 -28.86
CA SER D 21 16.49 10.04 -28.99
C SER D 21 16.85 11.27 -29.88
N PHE D 22 17.97 11.95 -29.59
CA PHE D 22 18.38 13.22 -30.25
C PHE D 22 19.88 13.20 -30.58
N GLY D 23 20.37 12.05 -31.04
CA GLY D 23 21.78 11.95 -31.46
C GLY D 23 22.28 10.54 -31.43
N ASP D 24 23.40 10.32 -32.12
CA ASP D 24 23.87 8.97 -32.46
C ASP D 24 24.94 8.57 -31.43
N ILE D 25 25.01 7.27 -31.17
CA ILE D 25 25.95 6.63 -30.21
C ILE D 25 27.04 5.97 -31.03
N TYR D 26 28.31 6.18 -30.64
CA TYR D 26 29.52 5.65 -31.32
C TYR D 26 30.37 4.84 -30.33
N LEU D 27 30.97 3.76 -30.82
CA LEU D 27 32.03 3.05 -30.10
C LEU D 27 33.17 4.04 -29.86
N GLY D 28 33.88 3.91 -28.72
CA GLY D 28 35.03 4.73 -28.37
C GLY D 28 35.98 3.98 -27.48
N THR D 29 37.17 4.52 -27.28
CA THR D 29 38.11 4.00 -26.31
C THR D 29 38.54 5.14 -25.42
N ASP D 30 38.53 4.90 -24.12
CA ASP D 30 39.23 5.72 -23.13
C ASP D 30 40.72 5.30 -23.13
N ILE D 31 41.52 6.05 -23.87
CA ILE D 31 42.94 5.72 -24.15
C ILE D 31 43.67 5.72 -22.81
N ALA D 32 43.34 6.65 -21.91
CA ALA D 32 44.03 6.81 -20.62
C ALA D 32 43.76 5.61 -19.75
N ALA D 33 42.52 5.09 -19.72
CA ALA D 33 42.05 4.06 -18.75
C ALA D 33 42.20 2.67 -19.35
N GLY D 34 42.34 2.56 -20.68
CA GLY D 34 42.35 1.24 -21.36
C GLY D 34 40.98 0.56 -21.26
N GLU D 35 39.90 1.31 -21.52
CA GLU D 35 38.51 0.79 -21.43
C GLU D 35 37.74 1.26 -22.65
N GLU D 36 36.90 0.42 -23.19
CA GLU D 36 35.96 0.81 -24.26
C GLU D 36 34.87 1.66 -23.61
N VAL D 37 34.33 2.60 -24.37
CA VAL D 37 33.25 3.53 -23.93
C VAL D 37 32.26 3.67 -25.06
N ALA D 38 31.12 4.27 -24.74
CA ALA D 38 30.13 4.69 -25.72
C ALA D 38 30.12 6.20 -25.74
N ILE D 39 30.12 6.80 -26.91
CA ILE D 39 30.19 8.26 -27.08
C ILE D 39 28.95 8.73 -27.82
N LYS D 40 28.18 9.60 -27.19
CA LYS D 40 27.01 10.22 -27.82
C LYS D 40 27.44 11.61 -28.29
N LEU D 41 27.07 11.95 -29.53
CA LEU D 41 27.39 13.22 -30.19
C LEU D 41 26.09 13.94 -30.52
N GLU D 42 26.09 15.25 -30.35
CA GLU D 42 25.02 16.17 -30.80
C GLU D 42 25.69 17.35 -31.51
N CYS D 43 25.30 17.66 -32.74
CA CYS D 43 25.74 18.89 -33.47
C CYS D 43 25.63 20.12 -32.56
N VAL D 44 26.72 20.81 -32.33
CA VAL D 44 26.74 22.03 -31.45
C VAL D 44 25.65 22.98 -31.89
N LYS D 45 25.46 23.14 -33.21
CA LYS D 45 24.57 24.20 -33.78
C LYS D 45 23.18 23.64 -34.05
N THR D 46 22.86 22.48 -33.51
CA THR D 46 21.49 21.90 -33.55
C THR D 46 20.51 22.98 -33.07
N LYS D 47 19.32 23.02 -33.66
CA LYS D 47 18.29 24.04 -33.38
C LYS D 47 17.79 23.84 -31.94
N HIS D 48 17.78 22.60 -31.46
CA HIS D 48 17.20 22.20 -30.13
C HIS D 48 18.23 21.41 -29.32
N PRO D 49 19.24 22.10 -28.72
CA PRO D 49 20.29 21.39 -27.97
C PRO D 49 19.72 20.75 -26.70
N GLN D 50 20.08 19.50 -26.45
CA GLN D 50 19.53 18.70 -25.33
C GLN D 50 20.61 17.81 -24.67
N LEU D 51 21.76 17.59 -25.30
CA LEU D 51 22.66 16.51 -24.81
C LEU D 51 23.14 16.90 -23.40
N HIS D 52 23.55 18.17 -23.22
CA HIS D 52 23.99 18.69 -21.90
C HIS D 52 22.85 18.49 -20.90
N ILE D 53 21.61 18.61 -21.34
CA ILE D 53 20.43 18.40 -20.46
C ILE D 53 20.31 16.92 -20.10
N GLU D 54 20.31 16.02 -21.09
CA GLU D 54 20.34 14.52 -20.82
C GLU D 54 21.48 14.15 -19.84
N SER D 55 22.69 14.70 -20.02
CA SER D 55 23.85 14.37 -19.15
C SER D 55 23.55 14.77 -17.71
N LYS D 56 22.88 15.92 -17.50
CA LYS D 56 22.48 16.41 -16.15
C LYS D 56 21.53 15.38 -15.52
N ILE D 57 20.63 14.80 -16.29
CA ILE D 57 19.67 13.80 -15.75
C ILE D 57 20.44 12.53 -15.38
N TYR D 58 21.36 12.07 -16.23
CA TYR D 58 22.21 10.90 -15.91
C TYR D 58 22.96 11.15 -14.58
N LYS D 59 23.44 12.38 -14.37
CA LYS D 59 24.30 12.73 -13.20
C LYS D 59 23.45 12.64 -11.94
N MET D 60 22.24 13.18 -11.98
CA MET D 60 21.18 13.08 -10.94
C MET D 60 20.91 11.60 -10.63
N MET D 61 20.90 10.73 -11.65
CA MET D 61 20.53 9.29 -11.51
C MET D 61 21.74 8.48 -11.01
N GLN D 62 22.95 9.05 -11.01
CA GLN D 62 24.22 8.32 -10.79
C GLN D 62 24.16 7.59 -9.44
N GLY D 63 24.76 6.39 -9.38
CA GLY D 63 24.75 5.54 -8.18
C GLY D 63 23.57 4.58 -8.17
N GLY D 64 22.53 4.87 -8.96
CA GLY D 64 21.42 3.96 -9.22
C GLY D 64 21.91 2.67 -9.84
N VAL D 65 21.39 1.56 -9.36
CA VAL D 65 21.62 0.24 -10.01
C VAL D 65 21.16 0.33 -11.48
N GLY D 66 21.97 -0.13 -12.41
CA GLY D 66 21.66 -0.23 -13.84
C GLY D 66 21.49 1.15 -14.49
N ILE D 67 22.12 2.17 -13.91
CA ILE D 67 22.21 3.51 -14.54
C ILE D 67 23.64 3.67 -15.08
N PRO D 68 23.83 3.88 -16.38
CA PRO D 68 25.15 4.02 -16.94
C PRO D 68 25.87 5.22 -16.33
N THR D 69 27.14 5.05 -16.02
CA THR D 69 28.10 6.10 -15.56
C THR D 69 28.46 7.02 -16.73
N ILE D 70 28.36 8.31 -16.51
CA ILE D 70 28.80 9.32 -17.50
C ILE D 70 30.26 9.66 -17.13
N ARG D 71 31.18 9.46 -18.05
CA ARG D 71 32.61 9.68 -17.78
C ARG D 71 33.00 11.11 -18.12
N TRP D 72 32.38 11.72 -19.13
CA TRP D 72 32.79 13.07 -19.59
C TRP D 72 31.73 13.68 -20.49
N CYS D 73 31.45 14.97 -20.28
CA CYS D 73 30.58 15.81 -21.13
CA CYS D 73 30.56 15.79 -21.15
C CYS D 73 31.36 17.06 -21.48
N GLY D 74 31.45 17.41 -22.75
CA GLY D 74 32.15 18.62 -23.20
C GLY D 74 31.82 18.87 -24.63
N ALA D 75 32.51 19.80 -25.25
CA ALA D 75 32.38 20.08 -26.68
C ALA D 75 33.68 19.70 -27.35
N GLU D 76 33.63 19.28 -28.61
CA GLU D 76 34.79 18.96 -29.45
C GLU D 76 34.37 19.22 -30.89
N GLY D 77 35.11 20.04 -31.62
CA GLY D 77 34.86 20.28 -33.04
C GLY D 77 33.44 20.73 -33.28
N ASP D 78 32.68 19.99 -34.09
CA ASP D 78 31.27 20.32 -34.47
C ASP D 78 30.28 19.67 -33.47
N TYR D 79 30.72 19.20 -32.30
CA TYR D 79 29.93 18.27 -31.47
C TYR D 79 29.95 18.67 -30.01
N ASN D 80 28.78 18.57 -29.38
CA ASN D 80 28.64 18.25 -27.95
C ASN D 80 28.81 16.73 -27.79
N VAL D 81 29.45 16.34 -26.71
CA VAL D 81 29.96 14.96 -26.49
C VAL D 81 29.53 14.51 -25.11
N MET D 82 29.00 13.30 -25.04
CA MET D 82 28.74 12.63 -23.77
C MET D 82 29.37 11.24 -23.84
N VAL D 83 30.35 11.01 -23.00
CA VAL D 83 31.03 9.70 -22.95
C VAL D 83 30.42 8.90 -21.79
N MET D 84 30.04 7.66 -22.06
CA MET D 84 29.50 6.81 -21.00
CA MET D 84 29.37 6.75 -21.10
C MET D 84 30.13 5.41 -21.04
N GLU D 85 29.97 4.71 -19.94
CA GLU D 85 30.23 3.26 -19.82
C GLU D 85 29.75 2.61 -21.12
N LEU D 86 30.51 1.68 -21.67
CA LEU D 86 30.06 0.82 -22.77
C LEU D 86 29.19 -0.29 -22.16
N LEU D 87 27.96 -0.40 -22.61
CA LEU D 87 27.05 -1.47 -22.15
C LEU D 87 27.00 -2.54 -23.21
N GLY D 88 26.25 -3.60 -22.91
CA GLY D 88 26.09 -4.73 -23.81
C GLY D 88 24.88 -4.54 -24.71
N PRO D 89 24.42 -5.62 -25.32
CA PRO D 89 23.35 -5.56 -26.31
C PRO D 89 22.04 -5.16 -25.63
N SER D 90 21.17 -4.51 -26.38
CA SER D 90 19.78 -4.18 -25.96
C SER D 90 18.94 -5.46 -25.83
N LEU D 91 17.83 -5.38 -25.13
CA LEU D 91 16.92 -6.53 -25.04
C LEU D 91 16.31 -6.81 -26.42
N GLU D 92 16.14 -5.81 -27.28
CA GLU D 92 15.70 -6.07 -28.70
C GLU D 92 16.77 -6.91 -29.39
N ASP D 93 18.02 -6.50 -29.29
CA ASP D 93 19.15 -7.26 -29.91
C ASP D 93 19.13 -8.69 -29.38
N LEU D 94 19.02 -8.86 -28.07
CA LEU D 94 19.11 -10.21 -27.48
C LEU D 94 17.86 -11.00 -27.86
N PHE D 95 16.71 -10.32 -27.97
CA PHE D 95 15.46 -11.01 -28.41
C PHE D 95 15.67 -11.58 -29.83
N ASN D 96 16.19 -10.77 -30.76
CA ASN D 96 16.50 -11.18 -32.15
C ASN D 96 17.52 -12.32 -32.13
N PHE D 97 18.56 -12.20 -31.32
CA PHE D 97 19.62 -13.23 -31.23
C PHE D 97 19.01 -14.53 -30.76
N CYS D 98 17.96 -14.46 -29.89
CA CYS D 98 17.30 -15.63 -29.32
C CYS D 98 16.14 -16.07 -30.19
N SER D 99 16.12 -15.67 -31.46
CA SER D 99 15.06 -16.03 -32.43
C SER D 99 13.69 -15.55 -31.93
N ARG D 100 13.65 -14.41 -31.26
CA ARG D 100 12.39 -13.72 -30.87
C ARG D 100 11.52 -14.66 -30.01
N LYS D 101 12.16 -15.44 -29.14
CA LYS D 101 11.52 -16.35 -28.17
C LYS D 101 12.32 -16.33 -26.88
N PHE D 102 11.73 -15.81 -25.81
CA PHE D 102 12.30 -15.88 -24.45
C PHE D 102 11.51 -16.87 -23.62
N SER D 103 12.19 -17.68 -22.81
CA SER D 103 11.59 -18.54 -21.77
C SER D 103 10.86 -17.66 -20.76
N LEU D 104 9.85 -18.21 -20.11
CA LEU D 104 9.12 -17.50 -19.05
C LEU D 104 10.12 -17.03 -18.02
N LYS D 105 11.07 -17.89 -17.66
CA LYS D 105 12.09 -17.53 -16.63
C LYS D 105 12.79 -16.21 -17.03
N THR D 106 13.29 -16.12 -18.24
CA THR D 106 14.03 -14.93 -18.71
C THR D 106 13.06 -13.69 -18.67
N VAL D 107 11.80 -13.85 -19.08
CA VAL D 107 10.82 -12.72 -19.07
C VAL D 107 10.67 -12.26 -17.61
N LEU D 108 10.64 -13.18 -16.65
CA LEU D 108 10.39 -12.83 -15.23
C LEU D 108 11.65 -12.21 -14.62
N LEU D 109 12.83 -12.74 -14.94
CA LEU D 109 14.10 -12.12 -14.52
C LEU D 109 14.15 -10.70 -15.02
N LEU D 110 13.79 -10.48 -16.27
CA LEU D 110 13.86 -9.12 -16.87
C LEU D 110 12.82 -8.22 -16.21
N ALA D 111 11.58 -8.71 -16.03
CA ALA D 111 10.47 -7.93 -15.45
C ALA D 111 10.89 -7.38 -14.10
N ASP D 112 11.51 -8.20 -13.29
CA ASP D 112 11.90 -7.85 -11.91
C ASP D 112 12.85 -6.65 -11.95
N GLN D 113 13.85 -6.68 -12.80
CA GLN D 113 14.84 -5.57 -12.90
C GLN D 113 14.18 -4.34 -13.52
N MET D 114 13.41 -4.52 -14.57
CA MET D 114 12.85 -3.42 -15.36
C MET D 114 11.87 -2.61 -14.48
N ILE D 115 11.08 -3.27 -13.62
CA ILE D 115 10.18 -2.59 -12.66
C ILE D 115 11.03 -1.76 -11.69
N SER D 116 12.10 -2.33 -11.18
CA SER D 116 13.05 -1.59 -10.29
C SER D 116 13.68 -0.42 -11.00
N ARG D 117 14.13 -0.55 -12.26
CA ARG D 117 14.80 0.57 -12.96
C ARG D 117 13.77 1.73 -13.07
N ILE D 118 12.53 1.44 -13.44
CA ILE D 118 11.49 2.49 -13.62
C ILE D 118 11.16 3.11 -12.26
N GLU D 119 11.01 2.31 -11.23
CA GLU D 119 10.79 2.83 -9.87
C GLU D 119 11.93 3.79 -9.53
N TYR D 120 13.17 3.41 -9.81
CA TYR D 120 14.34 4.22 -9.44
C TYR D 120 14.21 5.60 -10.11
N ILE D 121 13.95 5.62 -11.41
CA ILE D 121 13.79 6.90 -12.16
C ILE D 121 12.68 7.75 -11.51
N HIS D 122 11.55 7.14 -11.24
CA HIS D 122 10.39 7.82 -10.59
C HIS D 122 10.84 8.37 -9.23
N SER D 123 11.68 7.63 -8.48
CA SER D 123 12.17 8.07 -7.14
C SER D 123 12.97 9.36 -7.32
N LYS D 124 13.53 9.61 -8.49
CA LYS D 124 14.33 10.80 -8.79
C LYS D 124 13.48 11.84 -9.48
N ASN D 125 12.14 11.70 -9.48
CA ASN D 125 11.20 12.75 -9.87
C ASN D 125 11.08 12.86 -11.40
N PHE D 126 11.52 11.85 -12.13
CA PHE D 126 11.39 11.81 -13.62
C PHE D 126 10.48 10.64 -14.03
N ILE D 127 9.87 10.78 -15.19
CA ILE D 127 9.29 9.67 -15.96
C ILE D 127 10.10 9.58 -17.23
N HIS D 128 10.25 8.37 -17.72
CA HIS D 128 11.20 8.05 -18.79
C HIS D 128 10.57 8.42 -20.15
N ARG D 129 9.37 7.94 -20.38
CA ARG D 129 8.48 8.25 -21.52
C ARG D 129 8.90 7.52 -22.76
N ASP D 130 9.84 6.59 -22.69
CA ASP D 130 10.23 5.83 -23.90
C ASP D 130 10.68 4.44 -23.49
N VAL D 131 9.82 3.79 -22.75
CA VAL D 131 10.06 2.40 -22.27
C VAL D 131 9.87 1.47 -23.44
N LYS D 132 10.97 0.86 -23.90
CA LYS D 132 10.96 -0.04 -25.06
C LYS D 132 12.20 -0.92 -24.98
N PRO D 133 12.21 -2.10 -25.62
CA PRO D 133 13.35 -3.03 -25.51
C PRO D 133 14.70 -2.43 -25.94
N ASP D 134 14.69 -1.44 -26.84
CA ASP D 134 15.92 -0.77 -27.34
C ASP D 134 16.57 0.05 -26.23
N ASN D 135 15.82 0.37 -25.20
CA ASN D 135 16.29 1.30 -24.15
C ASN D 135 16.68 0.54 -22.89
N PHE D 136 16.66 -0.77 -22.95
CA PHE D 136 17.21 -1.64 -21.89
C PHE D 136 18.36 -2.43 -22.46
N LEU D 137 19.52 -2.28 -21.86
CA LEU D 137 20.79 -2.93 -22.31
C LEU D 137 21.32 -3.74 -21.15
N MET D 138 21.83 -4.93 -21.40
CA MET D 138 22.54 -5.70 -20.36
C MET D 138 23.94 -5.08 -20.22
N GLY D 139 24.51 -5.12 -19.02
CA GLY D 139 25.90 -4.73 -18.79
C GLY D 139 26.83 -5.70 -19.49
N LEU D 140 28.12 -5.43 -19.40
CA LEU D 140 29.21 -6.31 -19.88
C LEU D 140 29.99 -6.75 -18.66
N GLY D 141 30.62 -7.91 -18.76
CA GLY D 141 31.62 -8.38 -17.77
C GLY D 141 30.96 -8.63 -16.44
N LYS D 142 31.45 -7.98 -15.39
CA LYS D 142 30.94 -8.21 -14.02
C LYS D 142 29.50 -7.65 -13.90
N LYS D 143 29.08 -6.75 -14.79
CA LYS D 143 27.71 -6.15 -14.81
C LYS D 143 26.80 -6.87 -15.79
N GLY D 144 27.23 -8.03 -16.31
CA GLY D 144 26.55 -8.73 -17.41
C GLY D 144 25.14 -9.21 -17.02
N ASN D 145 24.86 -9.40 -15.74
CA ASN D 145 23.56 -9.86 -15.25
C ASN D 145 22.61 -8.67 -14.99
N LEU D 146 23.07 -7.44 -15.17
CA LEU D 146 22.29 -6.21 -14.84
C LEU D 146 21.62 -5.67 -16.09
N VAL D 147 20.33 -5.41 -15.99
CA VAL D 147 19.58 -4.66 -17.00
C VAL D 147 19.80 -3.17 -16.70
N TYR D 148 20.32 -2.44 -17.67
CA TYR D 148 20.51 -0.97 -17.64
C TYR D 148 19.37 -0.34 -18.38
N ILE D 149 18.97 0.84 -17.94
CA ILE D 149 18.04 1.69 -18.73
C ILE D 149 18.86 2.86 -19.30
N ILE D 150 18.60 3.20 -20.54
CA ILE D 150 19.30 4.31 -21.23
C ILE D 150 18.30 5.29 -21.82
N ASP D 151 18.84 6.43 -22.25
CA ASP D 151 18.20 7.43 -23.12
C ASP D 151 17.18 8.19 -22.29
N PHE D 152 17.62 9.28 -21.71
CA PHE D 152 16.78 10.22 -20.96
C PHE D 152 16.44 11.42 -21.84
N GLY D 153 16.53 11.26 -23.17
CA GLY D 153 16.27 12.37 -24.10
C GLY D 153 14.81 12.80 -24.07
N LEU D 154 13.88 11.90 -23.78
CA LEU D 154 12.43 12.24 -23.74
C LEU D 154 11.96 12.37 -22.30
N ALA D 155 12.82 12.12 -21.35
CA ALA D 155 12.43 12.11 -19.92
C ALA D 155 11.94 13.50 -19.54
N LYS D 156 11.13 13.57 -18.49
CA LYS D 156 10.56 14.85 -18.00
C LYS D 156 10.35 14.69 -16.49
N LYS D 157 10.56 15.75 -15.73
CA LYS D 157 10.16 15.83 -14.32
C LYS D 157 8.63 15.70 -14.23
N TYR D 158 8.13 14.85 -13.34
CA TYR D 158 6.67 14.74 -13.06
C TYR D 158 6.33 15.38 -11.70
N ARG D 159 7.30 15.70 -10.80
CA ARG D 159 7.03 16.42 -9.49
C ARG D 159 8.24 17.30 -9.08
N HIS D 166 3.01 17.01 -8.04
CA HIS D 166 2.82 16.34 -9.34
C HIS D 166 2.50 17.38 -10.43
N ILE D 167 3.04 17.22 -11.64
CA ILE D 167 2.65 18.03 -12.82
C ILE D 167 1.12 17.95 -12.97
N PRO D 168 0.49 19.01 -13.49
CA PRO D 168 -0.96 19.02 -13.66
C PRO D 168 -1.39 18.02 -14.75
N TYR D 169 -2.59 17.46 -14.60
CA TYR D 169 -3.33 16.76 -15.70
C TYR D 169 -3.38 17.68 -16.91
N ARG D 170 -3.07 17.14 -18.07
CA ARG D 170 -3.05 17.87 -19.35
C ARG D 170 -3.35 16.86 -20.44
N GLU D 171 -3.88 17.35 -21.56
CA GLU D 171 -4.27 16.60 -22.78
C GLU D 171 -3.60 17.27 -23.97
N ASN D 172 -4.02 16.91 -25.21
CA ASN D 172 -3.52 17.47 -26.51
C ASN D 172 -1.99 17.32 -26.56
N LYS D 173 -1.45 16.21 -26.05
CA LYS D 173 0.01 15.89 -26.07
C LYS D 173 0.31 14.96 -27.25
N ASN D 174 1.11 15.39 -28.24
CA ASN D 174 1.31 14.63 -29.50
C ASN D 174 2.42 13.62 -29.27
N LEU D 175 2.40 12.52 -30.02
CA LEU D 175 3.08 11.25 -29.63
C LEU D 175 4.57 11.33 -30.01
N THR D 176 5.45 11.38 -29.00
CA THR D 176 6.94 11.58 -29.14
C THR D 176 7.71 10.24 -29.12
N GLY D 177 7.29 9.25 -28.31
CA GLY D 177 7.98 7.95 -28.13
C GLY D 177 7.54 6.94 -29.19
N THR D 178 7.72 5.64 -28.94
CA THR D 178 7.38 4.53 -29.87
C THR D 178 5.94 4.06 -29.64
N ALA D 179 5.13 4.18 -30.69
CA ALA D 179 3.68 3.91 -30.63
C ALA D 179 3.45 2.47 -30.16
N ARG D 180 4.32 1.53 -30.55
CA ARG D 180 4.09 0.09 -30.27
C ARG D 180 3.86 -0.13 -28.76
N TYR D 181 4.56 0.60 -27.91
CA TYR D 181 4.57 0.37 -26.45
C TYR D 181 3.86 1.48 -25.72
N ALA D 182 3.30 2.44 -26.43
CA ALA D 182 2.61 3.59 -25.79
C ALA D 182 1.37 3.12 -25.04
N SER D 183 1.14 3.72 -23.87
CA SER D 183 -0.08 3.53 -23.05
C SER D 183 -1.32 3.97 -23.84
N ILE D 184 -2.47 3.41 -23.51
CA ILE D 184 -3.74 3.88 -24.09
C ILE D 184 -3.88 5.37 -23.77
N ASN D 185 -3.51 5.78 -22.56
CA ASN D 185 -3.64 7.21 -22.15
C ASN D 185 -2.80 8.10 -23.06
N THR D 186 -1.62 7.66 -23.48
CA THR D 186 -0.76 8.41 -24.44
C THR D 186 -1.47 8.52 -25.79
N HIS D 187 -2.09 7.43 -26.25
CA HIS D 187 -2.84 7.43 -27.52
C HIS D 187 -3.99 8.43 -27.43
N LEU D 188 -4.57 8.62 -26.25
CA LEU D 188 -5.67 9.58 -26.03
C LEU D 188 -5.15 11.01 -25.90
N GLY D 189 -3.82 11.22 -25.91
CA GLY D 189 -3.19 12.56 -25.86
C GLY D 189 -3.04 13.05 -24.44
N ILE D 190 -3.14 12.18 -23.44
CA ILE D 190 -2.98 12.57 -22.02
C ILE D 190 -1.49 12.64 -21.68
N GLU D 191 -1.10 13.67 -20.95
CA GLU D 191 0.24 13.85 -20.36
C GLU D 191 0.67 12.54 -19.71
N GLN D 192 1.86 12.09 -20.00
CA GLN D 192 2.40 10.82 -19.42
C GLN D 192 2.71 11.07 -17.95
N SER D 193 2.49 10.06 -17.14
CA SER D 193 2.89 10.06 -15.74
C SER D 193 3.50 8.70 -15.42
N ARG D 194 3.64 8.39 -14.13
CA ARG D 194 4.40 7.19 -13.68
C ARG D 194 3.71 5.95 -14.20
N ARG D 195 2.38 5.93 -14.21
CA ARG D 195 1.58 4.79 -14.70
C ARG D 195 1.97 4.42 -16.16
N ASP D 196 2.25 5.40 -17.00
CA ASP D 196 2.46 5.18 -18.44
C ASP D 196 3.79 4.45 -18.67
N ASP D 197 4.83 4.75 -17.90
CA ASP D 197 6.11 3.99 -17.98
C ASP D 197 5.80 2.51 -17.66
N LEU D 198 5.03 2.25 -16.61
CA LEU D 198 4.72 0.88 -16.19
C LEU D 198 3.79 0.17 -17.19
N GLU D 199 2.81 0.86 -17.77
CA GLU D 199 1.92 0.17 -18.78
C GLU D 199 2.78 -0.20 -19.98
N SER D 200 3.67 0.69 -20.42
CA SER D 200 4.62 0.40 -21.54
C SER D 200 5.45 -0.87 -21.24
N LEU D 201 5.94 -1.01 -20.03
CA LEU D 201 6.70 -2.18 -19.64
C LEU D 201 5.82 -3.40 -19.80
N GLY D 202 4.55 -3.29 -19.44
CA GLY D 202 3.60 -4.40 -19.54
C GLY D 202 3.48 -4.89 -20.97
N TYR D 203 3.43 -3.97 -21.93
CA TYR D 203 3.40 -4.35 -23.36
C TYR D 203 4.73 -4.97 -23.77
N VAL D 204 5.84 -4.44 -23.25
CA VAL D 204 7.19 -4.99 -23.57
C VAL D 204 7.23 -6.45 -23.10
N LEU D 205 6.75 -6.74 -21.90
CA LEU D 205 6.77 -8.13 -21.36
C LEU D 205 5.89 -9.06 -22.24
N MET D 206 4.73 -8.62 -22.67
CA MET D 206 3.84 -9.46 -23.53
C MET D 206 4.45 -9.57 -24.94
N TYR D 207 5.15 -8.54 -25.39
CA TYR D 207 5.95 -8.57 -26.64
C TYR D 207 6.98 -9.70 -26.55
N PHE D 208 7.74 -9.78 -25.46
CA PHE D 208 8.75 -10.84 -25.24
C PHE D 208 8.05 -12.22 -25.20
N ASN D 209 6.86 -12.28 -24.64
CA ASN D 209 6.10 -13.56 -24.53
C ASN D 209 5.61 -13.99 -25.91
N LEU D 210 5.14 -13.06 -26.75
CA LEU D 210 4.45 -13.38 -28.02
C LEU D 210 5.42 -13.39 -29.22
N GLY D 211 6.50 -12.61 -29.19
CA GLY D 211 7.32 -12.37 -30.40
C GLY D 211 6.85 -11.16 -31.17
N SER D 212 5.66 -10.63 -30.87
CA SER D 212 5.11 -9.44 -31.54
C SER D 212 3.82 -9.07 -30.82
N LEU D 213 3.34 -7.86 -31.01
CA LEU D 213 2.07 -7.42 -30.41
C LEU D 213 1.05 -7.33 -31.54
N PRO D 214 -0.24 -7.55 -31.24
CA PRO D 214 -1.27 -7.60 -32.29
C PRO D 214 -1.45 -6.29 -33.05
N TRP D 215 -0.93 -5.17 -32.54
CA TRP D 215 -1.04 -3.84 -33.21
C TRP D 215 0.27 -3.48 -33.94
N GLN D 216 1.17 -4.44 -34.05
CA GLN D 216 2.39 -4.36 -34.89
C GLN D 216 2.02 -4.60 -36.35
N GLY D 217 2.75 -3.96 -37.26
CA GLY D 217 2.67 -4.22 -38.71
C GLY D 217 1.28 -4.02 -39.24
N LEU D 218 0.57 -2.98 -38.80
CA LEU D 218 -0.74 -2.58 -39.37
C LEU D 218 -0.50 -1.68 -40.58
N LYS D 219 -1.32 -1.85 -41.61
CA LYS D 219 -1.19 -1.16 -42.92
C LYS D 219 -1.65 0.29 -42.78
N ALA D 220 -0.80 1.24 -43.17
CA ALA D 220 -1.11 2.69 -43.24
C ALA D 220 -0.16 3.38 -44.21
N ALA D 221 -0.65 4.36 -44.99
CA ALA D 221 0.18 5.17 -45.91
C ALA D 221 1.00 6.17 -45.09
N LYS D 223 1.59 8.70 -41.33
CA LYS D 223 1.97 8.45 -39.95
C LYS D 223 0.75 8.56 -39.02
N ARG D 224 -0.12 9.56 -39.23
CA ARG D 224 -1.28 9.81 -38.33
C ARG D 224 -2.21 8.60 -38.38
N GLN D 225 -2.39 8.04 -39.57
CA GLN D 225 -3.22 6.83 -39.85
C GLN D 225 -2.57 5.64 -39.15
N LYS D 226 -1.23 5.54 -39.20
CA LYS D 226 -0.49 4.45 -38.53
C LYS D 226 -0.78 4.50 -37.02
N TYR D 227 -0.68 5.70 -36.40
CA TYR D 227 -0.88 5.90 -34.95
C TYR D 227 -2.33 5.63 -34.58
N GLU D 228 -3.27 6.07 -35.41
CA GLU D 228 -4.72 5.88 -35.14
C GLU D 228 -5.04 4.39 -35.21
N ARG D 229 -4.46 3.67 -36.17
CA ARG D 229 -4.69 2.22 -36.33
C ARG D 229 -4.10 1.47 -35.12
N ILE D 230 -2.93 1.86 -34.65
CA ILE D 230 -2.30 1.24 -33.45
C ILE D 230 -3.18 1.51 -32.25
N SER D 231 -3.66 2.75 -32.12
CA SER D 231 -4.54 3.18 -31.02
C SER D 231 -5.82 2.33 -31.02
N GLU D 232 -6.43 2.16 -32.19
CA GLU D 232 -7.75 1.48 -32.33
C GLU D 232 -7.57 0.02 -31.98
N LYS D 233 -6.49 -0.60 -32.46
CA LYS D 233 -6.23 -2.05 -32.22
C LYS D 233 -5.96 -2.27 -30.73
N LYS D 234 -5.17 -1.40 -30.12
CA LYS D 234 -4.86 -1.46 -28.66
C LYS D 234 -6.15 -1.36 -27.83
N MET D 235 -7.03 -0.43 -28.19
CA MET D 235 -8.25 -0.15 -27.42
C MET D 235 -9.32 -1.22 -27.71
N SER D 236 -9.17 -2.00 -28.77
CA SER D 236 -10.15 -3.05 -29.13
C SER D 236 -9.58 -4.45 -28.85
N THR D 237 -8.40 -4.54 -28.24
CA THR D 237 -7.80 -5.82 -27.81
C THR D 237 -7.88 -5.91 -26.30
N PRO D 238 -8.85 -6.67 -25.75
CA PRO D 238 -8.94 -6.81 -24.31
C PRO D 238 -7.65 -7.42 -23.77
N ILE D 239 -7.28 -7.04 -22.55
CA ILE D 239 -6.07 -7.54 -21.90
C ILE D 239 -6.14 -9.06 -21.82
N GLU D 240 -7.30 -9.62 -21.57
CA GLU D 240 -7.47 -11.07 -21.47
C GLU D 240 -7.17 -11.71 -22.83
N VAL D 241 -7.46 -11.04 -23.93
CA VAL D 241 -7.18 -11.59 -25.28
C VAL D 241 -5.68 -11.43 -25.60
N LEU D 242 -5.09 -10.26 -25.34
CA LEU D 242 -3.64 -10.02 -25.51
C LEU D 242 -2.86 -11.12 -24.79
N CYS D 243 -3.23 -11.42 -23.54
CA CYS D 243 -2.45 -12.27 -22.61
C CYS D 243 -2.91 -13.72 -22.64
N LYS D 244 -3.83 -14.10 -23.52
CA LYS D 244 -4.36 -15.49 -23.53
C LYS D 244 -3.21 -16.50 -23.69
N GLY D 245 -3.23 -17.57 -22.91
CA GLY D 245 -2.22 -18.65 -22.94
C GLY D 245 -0.97 -18.33 -22.15
N TYR D 246 -0.90 -17.15 -21.50
CA TYR D 246 0.27 -16.74 -20.68
C TYR D 246 -0.19 -16.64 -19.24
N PRO D 247 0.72 -16.81 -18.26
CA PRO D 247 0.33 -16.72 -16.87
C PRO D 247 -0.50 -15.45 -16.58
N SER D 248 -1.50 -15.59 -15.72
CA SER D 248 -2.47 -14.51 -15.38
C SER D 248 -1.75 -13.22 -14.91
N GLU D 249 -0.54 -13.34 -14.39
CA GLU D 249 0.23 -12.21 -13.83
C GLU D 249 0.42 -11.10 -14.87
N PHE D 250 0.61 -11.43 -16.12
CA PHE D 250 0.84 -10.45 -17.19
C PHE D 250 -0.41 -9.61 -17.38
N ALA D 251 -1.60 -10.24 -17.32
CA ALA D 251 -2.91 -9.55 -17.43
C ALA D 251 -3.14 -8.70 -16.16
N THR D 252 -2.94 -9.30 -15.00
CA THR D 252 -3.08 -8.59 -13.71
C THR D 252 -2.22 -7.32 -13.72
N TYR D 253 -0.96 -7.44 -14.06
CA TYR D 253 -0.02 -6.29 -14.21
C TYR D 253 -0.64 -5.21 -15.11
N LEU D 254 -1.06 -5.56 -16.31
CA LEU D 254 -1.57 -4.55 -17.27
C LEU D 254 -2.88 -3.93 -16.75
N ASN D 255 -3.75 -4.74 -16.14
CA ASN D 255 -5.01 -4.25 -15.55
C ASN D 255 -4.72 -3.27 -14.43
N PHE D 256 -3.72 -3.56 -13.63
CA PHE D 256 -3.31 -2.68 -12.54
C PHE D 256 -2.84 -1.36 -13.12
N CYS D 257 -1.96 -1.40 -14.12
CA CYS D 257 -1.46 -0.16 -14.73
C CYS D 257 -2.64 0.66 -15.33
N ARG D 258 -3.58 0.01 -16.02
CA ARG D 258 -4.70 0.68 -16.71
C ARG D 258 -5.62 1.32 -15.65
N SER D 259 -5.63 0.82 -14.42
CA SER D 259 -6.48 1.33 -13.33
C SER D 259 -5.86 2.56 -12.64
N LEU D 260 -4.56 2.81 -12.82
CA LEU D 260 -3.86 3.84 -12.03
C LEU D 260 -4.40 5.22 -12.38
N ARG D 261 -4.50 6.07 -11.39
CA ARG D 261 -4.88 7.47 -11.63
C ARG D 261 -3.64 8.25 -12.07
N PHE D 262 -3.87 9.34 -12.79
CA PHE D 262 -2.83 10.21 -13.34
C PHE D 262 -1.73 10.39 -12.27
N ASP D 263 -2.06 10.83 -11.05
CA ASP D 263 -1.00 11.18 -10.06
C ASP D 263 -0.71 10.06 -9.04
N ASP D 264 -1.26 8.86 -9.24
CA ASP D 264 -1.04 7.75 -8.29
C ASP D 264 0.45 7.40 -8.28
N LYS D 265 0.98 7.16 -7.10
CA LYS D 265 2.24 6.43 -6.89
C LYS D 265 1.96 4.95 -7.13
N PRO D 266 2.53 4.35 -8.18
CA PRO D 266 2.32 2.92 -8.43
C PRO D 266 2.82 2.10 -7.26
N ASP D 267 2.16 0.98 -7.01
CA ASP D 267 2.65 -0.02 -6.05
C ASP D 267 3.68 -0.91 -6.74
N TYR D 268 4.88 -0.41 -6.94
CA TYR D 268 6.02 -1.17 -7.55
C TYR D 268 6.20 -2.53 -6.89
N SER D 269 6.12 -2.55 -5.55
CA SER D 269 6.38 -3.77 -4.74
CA SER D 269 6.37 -3.76 -4.71
C SER D 269 5.33 -4.83 -5.05
N TYR D 270 4.09 -4.43 -5.15
CA TYR D 270 2.99 -5.34 -5.54
C TYR D 270 3.30 -5.93 -6.94
N LEU D 271 3.70 -5.09 -7.89
CA LEU D 271 3.94 -5.56 -9.29
C LEU D 271 5.14 -6.53 -9.31
N ARG D 272 6.22 -6.23 -8.61
CA ARG D 272 7.40 -7.15 -8.53
C ARG D 272 6.97 -8.44 -7.82
N GLN D 273 6.15 -8.34 -6.77
CA GLN D 273 5.74 -9.51 -5.94
C GLN D 273 4.84 -10.40 -6.79
N LEU D 274 4.09 -9.81 -7.69
CA LEU D 274 3.24 -10.57 -8.65
C LEU D 274 4.13 -11.56 -9.45
N PHE D 275 5.17 -11.04 -10.06
CA PHE D 275 6.08 -11.86 -10.91
C PHE D 275 6.93 -12.77 -10.03
N ARG D 276 7.37 -12.31 -8.88
CA ARG D 276 8.22 -13.09 -7.94
C ARG D 276 7.43 -14.34 -7.48
N ASN D 277 6.14 -14.20 -7.18
CA ASN D 277 5.33 -15.34 -6.70
C ASN D 277 5.21 -16.34 -7.83
N LEU D 278 5.00 -15.85 -9.05
CA LEU D 278 4.91 -16.73 -10.23
C LEU D 278 6.24 -17.46 -10.39
N PHE D 279 7.34 -16.73 -10.32
CA PHE D 279 8.71 -17.26 -10.46
C PHE D 279 8.90 -18.45 -9.50
N HIS D 280 8.58 -18.24 -8.22
CA HIS D 280 8.67 -19.24 -7.14
C HIS D 280 7.71 -20.42 -7.42
N ARG D 281 6.46 -20.16 -7.84
CA ARG D 281 5.49 -21.25 -8.14
CA ARG D 281 5.46 -21.23 -8.17
C ARG D 281 6.04 -22.10 -9.29
N GLN D 282 6.76 -21.51 -10.23
CA GLN D 282 7.36 -22.25 -11.37
C GLN D 282 8.59 -23.05 -10.90
N GLY D 283 9.08 -22.78 -9.69
CA GLY D 283 10.28 -23.45 -9.18
C GLY D 283 11.56 -22.95 -9.84
N PHE D 284 11.56 -21.73 -10.38
CA PHE D 284 12.76 -21.13 -11.01
C PHE D 284 13.77 -20.70 -9.94
N SER D 285 15.07 -20.70 -10.30
CA SER D 285 16.22 -20.22 -9.47
C SER D 285 16.59 -18.82 -9.93
N TYR D 286 16.70 -17.88 -8.99
CA TYR D 286 17.11 -16.49 -9.24
C TYR D 286 18.64 -16.45 -9.43
N ASP D 287 19.12 -16.94 -10.58
CA ASP D 287 20.56 -17.22 -10.81
C ASP D 287 21.07 -16.36 -11.97
N TYR D 288 20.24 -15.47 -12.50
CA TYR D 288 20.63 -14.56 -13.63
C TYR D 288 21.13 -15.36 -14.84
N VAL D 289 20.69 -16.60 -15.02
CA VAL D 289 20.94 -17.40 -16.23
C VAL D 289 19.79 -17.15 -17.18
N PHE D 290 20.02 -16.21 -18.08
CA PHE D 290 19.06 -15.82 -19.12
C PHE D 290 19.23 -16.80 -20.27
N ASP D 291 18.25 -16.79 -21.17
CA ASP D 291 18.26 -17.66 -22.36
C ASP D 291 19.60 -17.52 -23.10
N TRP D 292 20.10 -16.31 -23.26
CA TRP D 292 21.28 -16.06 -24.10
C TRP D 292 22.53 -16.64 -23.43
N ASN D 293 22.52 -16.82 -22.13
CA ASN D 293 23.66 -17.41 -21.38
C ASN D 293 23.79 -18.90 -21.74
N MET D 294 22.80 -19.50 -22.38
CA MET D 294 22.83 -20.95 -22.71
C MET D 294 23.32 -21.20 -24.15
N LEU D 295 23.55 -20.15 -24.93
CA LEU D 295 24.04 -20.29 -26.34
C LEU D 295 25.48 -20.84 -26.28
N LYS D 296 25.77 -21.90 -27.02
CA LYS D 296 27.04 -22.66 -26.85
C LYS D 296 27.93 -22.40 -28.07
#